data_9JCX
#
_entry.id   9JCX
#
_cell.length_a   63.350
_cell.length_b   120.720
_cell.length_c   126.130
_cell.angle_alpha   90.00
_cell.angle_beta   90.00
_cell.angle_gamma   90.00
#
_symmetry.space_group_name_H-M   'P 21 21 21'
#
loop_
_entity.id
_entity.type
_entity.pdbx_description
1 polymer 'Transmembrane protease serine 2 non-catalytic chain'
2 polymer 'Transmembrane protease serine 2 catalytic chain'
3 polymer 'Spike protein S1'
4 non-polymer 'CALCIUM ION'
5 non-polymer 2-acetamido-2-deoxy-beta-D-glucopyranose
6 water water
#
loop_
_entity_poly.entity_id
_entity_poly.type
_entity_poly.pdbx_seq_one_letter_code
_entity_poly.pdbx_strand_id
1 'polypeptide(L)'
;MGSKCSNSGIECDSSGTCINPSNWCDGVSHCPGGEDENRCVRLYGPNFILQVYSSQRKSWHPVCQDDWNENYGRAACRDM
GYKNNFYSSQGIVDDSGSTSFMKLNTSAGNVDIYKKLYHSDACSSKAVVSLRCIACGVNLNDDDDK
;
A
2 'polypeptide(L)'
;IVGGESALPGAWPWQVSLHVQNVHVCGGSIITPEWIVTAAHCVEKPLNNPWHWTAFAGILRQSFMFYGAGYQVEKVISHP
NYDSKTKNNDIALMKLQKPLTFNDLVKPVCLPNPGMMLQPEQLCWISGWGATEEKGKTSEVLNAAKVLLIETQRCNSRYV
YDNLITPAMICAGFLQGNVDSCQGDAGGPLVTSKNNIWWLIGDTSWGSGCAKAYRPGVYGNVMVFTDWIYRQMRADGEFV
EHHHHHHHH
;
C
3 'polypeptide(L)'
;DLPDCDIDKWLNNFNVPSPLNWERKIFSNCNFNLSTLLRLVHTDSFSCNNFDESKIYGSCFKSIVLDKFAIPNSRRSDLQ
LGSSGFLQSSNYKIDTTSSSCQLYYSLPAINVTINNYNPSSWNRRYGFNNFNLSSHSVVYSRYCFSVNNTFCPCAKPSFA
SSCKSHKPPSASCPIGTNYRSCESTTVLDHTDWCRCSCLPDPITAYDPRSCSQKKSLVGVGEHCAGFGVDEEKCGVLDGS
YNVSCLCSTDAFLGWSYDTCVSNNRCNIFSNFILNGINSGTTCSNDLSGLEVLFQGPGGSHHHHHHHH
;
B
#
loop_
_chem_comp.id
_chem_comp.type
_chem_comp.name
_chem_comp.formula
CA non-polymer 'CALCIUM ION' 'Ca 2'
NAG D-saccharide, beta linking 2-acetamido-2-deoxy-beta-D-glucopyranose 'C8 H15 N O6'
#
# COMPACT_ATOMS: atom_id res chain seq x y z
N LYS A 4 22.11 21.32 5.87
CA LYS A 4 23.54 21.49 6.12
C LYS A 4 23.91 22.97 6.18
N CYS A 5 22.91 23.83 6.01
CA CYS A 5 23.10 25.28 6.10
C CYS A 5 21.99 25.92 6.92
N SER A 6 21.42 25.19 7.88
CA SER A 6 20.31 25.71 8.66
C SER A 6 20.71 26.97 9.43
N ASN A 7 21.84 26.90 10.15
CA ASN A 7 22.35 28.03 10.92
C ASN A 7 23.34 28.87 10.14
N SER A 8 23.26 28.88 8.81
CA SER A 8 24.20 29.63 7.99
C SER A 8 23.59 30.27 6.75
N GLY A 9 22.44 29.79 6.26
CA GLY A 9 21.83 30.38 5.08
C GLY A 9 21.11 29.38 4.19
N ILE A 10 21.36 29.46 2.89
CA ILE A 10 20.77 28.54 1.91
C ILE A 10 21.90 27.67 1.34
N GLU A 11 21.65 26.38 1.24
CA GLU A 11 22.64 25.45 0.73
C GLU A 11 22.77 25.62 -0.79
N CYS A 12 23.99 25.92 -1.25
CA CYS A 12 24.26 26.02 -2.67
C CYS A 12 24.19 24.67 -3.37
N ASP A 13 24.21 23.57 -2.62
CA ASP A 13 24.36 22.20 -3.10
C ASP A 13 25.74 21.96 -3.69
N SER A 14 26.65 22.93 -3.61
CA SER A 14 28.02 22.76 -4.09
C SER A 14 28.90 22.34 -2.91
N SER A 15 28.68 21.10 -2.47
CA SER A 15 29.42 20.48 -1.37
C SER A 15 29.23 21.25 -0.07
N GLY A 16 28.00 21.65 0.20
CA GLY A 16 27.64 22.24 1.48
C GLY A 16 27.89 23.73 1.62
N THR A 17 28.35 24.41 0.57
CA THR A 17 28.58 25.84 0.65
C THR A 17 27.27 26.57 0.91
N CYS A 18 27.32 27.58 1.77
CA CYS A 18 26.13 28.35 2.14
C CYS A 18 26.31 29.81 1.76
N ILE A 19 25.20 30.45 1.40
CA ILE A 19 25.15 31.90 1.16
C ILE A 19 23.91 32.45 1.88
N ASN A 20 23.81 33.78 1.88
CA ASN A 20 22.66 34.42 2.49
C ASN A 20 21.42 34.19 1.62
N PRO A 21 20.26 33.93 2.23
CA PRO A 21 19.03 33.80 1.43
C PRO A 21 18.73 35.02 0.57
N SER A 22 19.15 36.22 1.00
CA SER A 22 18.95 37.41 0.18
C SER A 22 19.79 37.38 -1.09
N ASN A 23 20.82 36.53 -1.15
CA ASN A 23 21.66 36.39 -2.32
C ASN A 23 21.18 35.30 -3.26
N TRP A 24 19.98 34.75 -3.04
CA TRP A 24 19.45 33.71 -3.89
C TRP A 24 18.59 34.34 -4.98
N CYS A 25 19.02 34.19 -6.24
CA CYS A 25 18.27 34.68 -7.40
C CYS A 25 18.25 36.21 -7.44
N ASP A 26 19.35 36.81 -6.99
CA ASP A 26 19.45 38.26 -6.89
C ASP A 26 20.26 38.88 -8.04
N GLY A 27 20.61 38.09 -9.06
CA GLY A 27 21.22 38.59 -10.26
C GLY A 27 22.71 38.30 -10.38
N VAL A 28 23.43 38.27 -9.26
CA VAL A 28 24.86 38.03 -9.25
C VAL A 28 25.13 36.62 -8.76
N SER A 29 26.10 35.95 -9.37
CA SER A 29 26.42 34.57 -9.04
C SER A 29 27.35 34.54 -7.82
N HIS A 30 26.85 34.00 -6.71
CA HIS A 30 27.64 33.82 -5.51
C HIS A 30 28.06 32.37 -5.29
N CYS A 31 27.16 31.41 -5.52
CA CYS A 31 27.49 30.01 -5.34
C CYS A 31 28.60 29.60 -6.30
N PRO A 32 29.40 28.60 -5.94
CA PRO A 32 30.53 28.20 -6.80
C PRO A 32 30.11 27.76 -8.19
N GLY A 33 28.96 27.11 -8.32
CA GLY A 33 28.50 26.65 -9.62
C GLY A 33 27.32 27.44 -10.16
N GLY A 34 27.10 28.63 -9.60
CA GLY A 34 25.99 29.45 -10.04
C GLY A 34 24.62 28.86 -9.75
N GLU A 35 24.53 27.91 -8.82
CA GLU A 35 23.25 27.27 -8.53
C GLU A 35 22.25 28.26 -7.96
N ASP A 36 22.70 29.43 -7.53
CA ASP A 36 21.82 30.45 -6.98
C ASP A 36 21.16 31.31 -8.04
N GLU A 37 21.59 31.21 -9.31
CA GLU A 37 21.08 32.10 -10.36
C GLU A 37 20.64 31.34 -11.60
N ASN A 38 20.41 30.03 -11.50
CA ASN A 38 19.97 29.24 -12.64
C ASN A 38 18.63 28.53 -12.45
N ARG A 39 18.16 28.38 -11.21
CA ARG A 39 16.85 27.78 -10.96
C ARG A 39 15.91 28.81 -10.33
N CYS A 40 15.72 29.95 -10.99
CA CYS A 40 14.90 31.02 -10.45
C CYS A 40 13.50 31.07 -11.07
N VAL A 41 13.25 30.27 -12.10
CA VAL A 41 11.95 30.22 -12.76
C VAL A 41 11.47 28.77 -12.76
N ARG A 42 10.19 28.56 -12.45
CA ARG A 42 9.65 27.22 -12.40
C ARG A 42 8.19 27.23 -12.82
N LEU A 43 7.65 26.03 -13.03
CA LEU A 43 6.24 25.82 -13.34
C LEU A 43 5.63 25.01 -12.21
N TYR A 44 4.50 25.48 -11.69
CA TYR A 44 3.90 24.93 -10.49
C TYR A 44 2.58 24.23 -10.81
N GLY A 45 2.36 23.09 -10.14
CA GLY A 45 1.08 22.42 -10.17
C GLY A 45 0.75 21.79 -11.51
N PRO A 46 -0.38 21.08 -11.55
CA PRO A 46 -0.84 20.47 -12.81
C PRO A 46 -1.36 21.47 -13.83
N ASN A 47 -1.47 22.75 -13.49
CA ASN A 47 -1.94 23.77 -14.40
C ASN A 47 -0.81 24.65 -14.93
N PHE A 48 0.45 24.31 -14.62
CA PHE A 48 1.62 24.99 -15.17
C PHE A 48 1.63 26.48 -14.84
N ILE A 49 1.49 26.79 -13.56
CA ILE A 49 1.50 28.17 -13.10
C ILE A 49 2.93 28.68 -13.06
N LEU A 50 3.22 29.71 -13.85
CA LEU A 50 4.56 30.27 -13.90
C LEU A 50 4.88 31.00 -12.60
N GLN A 51 6.02 30.66 -12.00
CA GLN A 51 6.46 31.25 -10.74
C GLN A 51 7.92 31.66 -10.84
N VAL A 52 8.29 32.68 -10.07
CA VAL A 52 9.64 33.24 -10.06
C VAL A 52 10.03 33.53 -8.61
N TYR A 53 11.20 33.04 -8.21
CA TYR A 53 11.70 33.27 -6.86
C TYR A 53 12.17 34.71 -6.71
N SER A 54 11.59 35.43 -5.76
CA SER A 54 12.02 36.78 -5.44
C SER A 54 13.09 36.73 -4.35
N SER A 55 14.11 37.57 -4.50
CA SER A 55 15.16 37.66 -3.50
C SER A 55 14.78 38.58 -2.36
N GLN A 56 14.03 39.65 -2.65
CA GLN A 56 13.62 40.59 -1.62
C GLN A 56 12.74 39.91 -0.58
N ARG A 57 11.88 38.99 -1.02
CA ARG A 57 10.95 38.31 -0.15
C ARG A 57 11.34 36.87 0.15
N LYS A 58 12.33 36.33 -0.57
CA LYS A 58 12.86 34.99 -0.34
C LYS A 58 11.75 33.93 -0.41
N SER A 59 11.04 33.89 -1.53
CA SER A 59 9.95 32.96 -1.71
C SER A 59 9.53 32.95 -3.17
N TRP A 60 8.66 32.00 -3.52
CA TRP A 60 8.14 31.88 -4.87
C TRP A 60 6.80 32.60 -4.97
N HIS A 61 6.54 33.17 -6.14
CA HIS A 61 5.30 33.91 -6.38
C HIS A 61 4.90 33.76 -7.84
N PRO A 62 3.59 33.71 -8.13
CA PRO A 62 3.15 33.67 -9.52
C PRO A 62 3.47 34.95 -10.28
N VAL A 63 3.17 34.96 -11.58
CA VAL A 63 3.56 36.04 -12.48
C VAL A 63 2.31 36.71 -13.02
N CYS A 64 2.30 38.04 -13.00
CA CYS A 64 1.18 38.79 -13.56
C CYS A 64 1.17 38.67 -15.09
N GLN A 65 -0.04 38.66 -15.66
CA GLN A 65 -0.20 38.65 -17.10
C GLN A 65 -0.04 40.03 -17.72
N ASP A 66 0.12 41.07 -16.91
CA ASP A 66 0.28 42.43 -17.42
C ASP A 66 1.47 42.50 -18.36
N ASP A 67 1.20 42.90 -19.61
CA ASP A 67 2.21 43.10 -20.64
C ASP A 67 2.97 41.84 -21.00
N TRP A 68 2.51 40.67 -20.54
CA TRP A 68 3.19 39.43 -20.85
C TRP A 68 2.82 38.96 -22.26
N ASN A 69 3.82 38.48 -23.00
CA ASN A 69 3.64 38.07 -24.38
C ASN A 69 4.34 36.73 -24.57
N GLU A 70 4.51 36.34 -25.84
CA GLU A 70 5.15 35.07 -26.13
C GLU A 70 6.66 35.14 -25.91
N ASN A 71 7.29 36.24 -26.35
CA ASN A 71 8.74 36.36 -26.23
C ASN A 71 9.19 36.25 -24.78
N TYR A 72 8.40 36.78 -23.84
CA TYR A 72 8.75 36.67 -22.43
C TYR A 72 8.59 35.23 -21.95
N GLY A 73 7.58 34.52 -22.43
CA GLY A 73 7.43 33.12 -22.07
C GLY A 73 8.57 32.27 -22.62
N ARG A 74 9.03 32.58 -23.83
CA ARG A 74 10.18 31.90 -24.39
C ARG A 74 11.46 32.23 -23.63
N ALA A 75 11.54 33.45 -23.08
CA ALA A 75 12.68 33.80 -22.23
C ALA A 75 12.64 33.03 -20.91
N ALA A 76 11.45 32.78 -20.38
CA ALA A 76 11.33 31.96 -19.19
C ALA A 76 11.64 30.50 -19.49
N CYS A 77 11.29 30.03 -20.69
CA CYS A 77 11.58 28.64 -21.05
C CYS A 77 13.07 28.43 -21.28
N ARG A 78 13.76 29.42 -21.86
CA ARG A 78 15.21 29.33 -21.98
C ARG A 78 15.88 29.34 -20.62
N ASP A 79 15.33 30.10 -19.67
CA ASP A 79 15.88 30.14 -18.32
C ASP A 79 15.73 28.82 -17.58
N MET A 80 14.74 28.01 -17.97
CA MET A 80 14.51 26.71 -17.34
C MET A 80 15.24 25.58 -18.03
N GLY A 81 15.93 25.85 -19.14
CA GLY A 81 16.70 24.84 -19.82
C GLY A 81 16.03 24.18 -21.01
N TYR A 82 14.91 24.72 -21.49
CA TYR A 82 14.22 24.14 -22.63
C TYR A 82 14.71 24.69 -23.97
N LYS A 83 15.70 25.58 -23.94
CA LYS A 83 16.29 26.19 -25.15
C LYS A 83 15.16 26.86 -25.94
N ASN A 84 15.06 26.65 -27.24
CA ASN A 84 14.08 27.35 -28.07
C ASN A 84 12.73 26.64 -28.11
N ASN A 85 12.48 25.70 -27.20
CA ASN A 85 11.19 25.02 -27.16
C ASN A 85 10.14 25.93 -26.51
N PHE A 86 8.93 25.87 -27.06
CA PHE A 86 7.80 26.62 -26.52
C PHE A 86 6.52 25.98 -27.06
N TYR A 87 5.52 25.87 -26.18
CA TYR A 87 4.26 25.23 -26.55
C TYR A 87 3.08 26.18 -26.39
N SER A 88 2.68 26.51 -25.17
CA SER A 88 1.49 27.32 -24.94
C SER A 88 1.73 28.32 -23.82
N SER A 89 0.88 29.35 -23.80
CA SER A 89 0.90 30.38 -22.76
C SER A 89 -0.39 31.19 -22.78
N GLN A 90 -1.03 31.33 -21.62
CA GLN A 90 -2.28 32.07 -21.52
C GLN A 90 -2.48 32.55 -20.09
N GLY A 91 -3.49 33.40 -19.89
CA GLY A 91 -3.83 33.86 -18.57
C GLY A 91 -4.75 32.89 -17.84
N ILE A 92 -4.69 32.93 -16.51
CA ILE A 92 -5.43 31.96 -15.72
C ILE A 92 -5.67 32.55 -14.34
N VAL A 93 -6.83 32.25 -13.77
CA VAL A 93 -7.17 32.76 -12.45
C VAL A 93 -6.28 32.11 -11.39
N THR A 99 -0.92 36.19 -1.69
CA THR A 99 -1.40 36.86 -2.89
C THR A 99 -0.28 37.68 -3.53
N SER A 100 0.92 37.57 -2.96
CA SER A 100 2.06 38.30 -3.49
C SER A 100 2.37 37.83 -4.91
N PHE A 101 2.42 38.78 -5.83
CA PHE A 101 2.61 38.49 -7.24
C PHE A 101 3.90 39.16 -7.73
N MET A 102 4.19 38.99 -9.01
CA MET A 102 5.38 39.56 -9.64
C MET A 102 4.94 40.33 -10.88
N LYS A 103 4.70 41.63 -10.73
CA LYS A 103 4.41 42.48 -11.87
C LYS A 103 5.66 42.61 -12.74
N LEU A 104 5.46 43.11 -13.95
CA LEU A 104 6.46 43.04 -15.02
C LEU A 104 6.94 44.44 -15.39
N ASN A 105 8.15 44.78 -14.96
CA ASN A 105 8.77 46.06 -15.30
C ASN A 105 9.22 46.01 -16.76
N THR A 106 8.53 46.75 -17.63
CA THR A 106 8.84 46.73 -19.05
C THR A 106 10.21 47.34 -19.33
N SER A 107 10.52 48.46 -18.67
CA SER A 107 11.79 49.16 -18.88
C SER A 107 12.93 48.59 -18.05
N ALA A 108 13.06 47.26 -17.99
CA ALA A 108 14.07 46.62 -17.17
C ALA A 108 15.41 46.45 -17.87
N GLY A 109 15.45 46.59 -19.20
CA GLY A 109 16.69 46.45 -19.93
C GLY A 109 17.07 45.01 -20.18
N ASN A 110 18.32 44.82 -20.59
CA ASN A 110 18.86 43.49 -20.90
C ASN A 110 19.40 42.85 -19.62
N VAL A 111 18.46 42.46 -18.76
CA VAL A 111 18.75 41.83 -17.49
C VAL A 111 18.13 40.44 -17.51
N ASP A 112 18.59 39.59 -16.58
CA ASP A 112 18.03 38.25 -16.46
C ASP A 112 16.51 38.32 -16.34
N ILE A 113 15.83 37.29 -16.85
CA ILE A 113 14.37 37.34 -16.97
C ILE A 113 13.72 37.48 -15.60
N TYR A 114 14.18 36.70 -14.61
CA TYR A 114 13.59 36.77 -13.28
C TYR A 114 13.82 38.12 -12.61
N LYS A 115 14.68 38.97 -13.16
CA LYS A 115 14.86 40.31 -12.65
C LYS A 115 14.01 41.34 -13.39
N LYS A 116 13.50 41.00 -14.58
CA LYS A 116 12.56 41.87 -15.28
C LYS A 116 11.22 42.00 -14.56
N LEU A 117 11.02 41.26 -13.48
CA LEU A 117 9.79 41.32 -12.70
C LEU A 117 10.08 41.84 -11.31
N TYR A 118 9.16 42.66 -10.80
CA TYR A 118 9.24 43.17 -9.43
C TYR A 118 8.02 42.68 -8.65
N HIS A 119 8.18 42.59 -7.33
CA HIS A 119 7.09 42.17 -6.46
C HIS A 119 6.04 43.27 -6.36
N SER A 120 4.78 42.85 -6.33
CA SER A 120 3.66 43.77 -6.26
C SER A 120 2.60 43.17 -5.34
N ASP A 121 1.38 43.70 -5.41
CA ASP A 121 0.28 43.23 -4.59
C ASP A 121 -0.94 42.83 -5.39
N ALA A 122 -1.03 43.21 -6.67
CA ALA A 122 -2.17 42.87 -7.50
C ALA A 122 -1.80 43.06 -8.96
N CYS A 123 -2.44 42.28 -9.83
CA CYS A 123 -2.26 42.39 -11.27
C CYS A 123 -3.47 43.09 -11.87
N SER A 124 -3.22 44.04 -12.79
CA SER A 124 -4.32 44.75 -13.41
C SER A 124 -5.09 43.89 -14.39
N SER A 125 -4.52 42.77 -14.83
CA SER A 125 -5.20 41.84 -15.72
C SER A 125 -5.99 40.77 -14.97
N LYS A 126 -5.83 40.69 -13.65
CA LYS A 126 -6.54 39.76 -12.78
C LYS A 126 -6.09 38.32 -12.97
N ALA A 127 -5.33 38.05 -14.02
CA ALA A 127 -4.93 36.69 -14.34
C ALA A 127 -3.42 36.55 -14.19
N VAL A 128 -3.00 35.37 -13.78
CA VAL A 128 -1.59 35.03 -13.71
C VAL A 128 -1.21 34.27 -14.97
N VAL A 129 0.09 34.03 -15.14
CA VAL A 129 0.61 33.43 -16.37
C VAL A 129 0.72 31.92 -16.21
N SER A 130 0.14 31.20 -17.16
CA SER A 130 0.36 29.77 -17.33
C SER A 130 1.25 29.54 -18.53
N LEU A 131 2.23 28.64 -18.38
CA LEU A 131 3.25 28.44 -19.40
C LEU A 131 3.55 26.96 -19.55
N ARG A 132 3.60 26.49 -20.80
CA ARG A 132 4.09 25.16 -21.13
C ARG A 132 5.18 25.31 -22.18
N CYS A 133 6.37 24.78 -21.87
CA CYS A 133 7.52 24.96 -22.75
C CYS A 133 7.68 23.85 -23.78
N ILE A 134 6.92 22.76 -23.66
CA ILE A 134 7.05 21.65 -24.60
C ILE A 134 5.73 20.87 -24.59
N ALA A 135 5.40 20.27 -25.73
CA ALA A 135 4.20 19.45 -25.86
C ALA A 135 4.52 18.04 -25.40
N CYS A 136 4.09 17.70 -24.19
CA CYS A 136 4.39 16.41 -23.59
C CYS A 136 3.14 15.85 -22.93
N GLY A 137 3.24 14.60 -22.49
CA GLY A 137 2.20 13.99 -21.68
C GLY A 137 1.01 13.46 -22.45
N VAL A 138 1.09 13.35 -23.77
CA VAL A 138 0.00 12.86 -24.60
C VAL A 138 0.36 11.47 -25.12
N ASN A 139 -0.57 10.53 -24.98
CA ASN A 139 -0.35 9.16 -25.47
C ASN A 139 -1.59 8.68 -26.22
N LEU A 140 -1.66 7.37 -26.48
CA LEU A 140 -2.85 6.79 -27.08
C LEU A 140 -4.01 6.88 -26.10
N ASN A 141 -5.18 7.31 -26.60
CA ASN A 141 -6.30 7.65 -25.73
C ASN A 141 -7.09 6.41 -25.33
N ASP A 142 -6.41 5.27 -25.24
CA ASP A 142 -6.95 4.03 -24.65
C ASP A 142 -8.20 3.61 -25.45
N ASP A 143 -9.23 3.06 -24.80
CA ASP A 143 -10.41 2.56 -25.51
C ASP A 143 -11.69 3.10 -24.88
N ASP A 144 -12.83 2.79 -25.50
CA ASP A 144 -14.13 3.17 -24.97
C ASP A 144 -14.80 2.06 -24.18
N ASP A 145 -14.04 1.01 -23.84
CA ASP A 145 -14.60 -0.12 -23.11
C ASP A 145 -15.07 0.31 -21.73
N LYS A 146 -16.26 -0.14 -21.36
CA LYS A 146 -16.82 0.13 -20.04
C LYS A 146 -16.11 -0.69 -18.97
N ILE B 1 9.06 -6.34 -17.59
CA ILE B 1 7.90 -6.13 -16.74
C ILE B 1 7.24 -7.46 -16.40
N VAL B 2 7.04 -7.71 -15.12
CA VAL B 2 6.35 -8.90 -14.63
C VAL B 2 4.89 -8.56 -14.39
N GLY B 3 4.00 -9.34 -14.99
CA GLY B 3 2.57 -9.19 -14.76
C GLY B 3 1.87 -8.18 -15.65
N GLY B 4 2.54 -7.65 -16.67
CA GLY B 4 1.94 -6.69 -17.57
C GLY B 4 1.40 -7.34 -18.83
N GLU B 5 0.98 -6.49 -19.76
CA GLU B 5 0.49 -6.94 -21.06
C GLU B 5 1.28 -6.25 -22.17
N SER B 6 1.16 -6.80 -23.37
CA SER B 6 1.85 -6.24 -24.52
C SER B 6 1.33 -4.85 -24.84
N ALA B 7 2.24 -3.93 -25.14
CA ALA B 7 1.89 -2.54 -25.39
C ALA B 7 1.65 -2.31 -26.88
N LEU B 8 0.75 -1.38 -27.17
CA LEU B 8 0.39 -1.00 -28.53
C LEU B 8 1.22 0.18 -28.99
N PRO B 9 1.34 0.39 -30.31
CA PRO B 9 2.04 1.57 -30.81
C PRO B 9 1.36 2.86 -30.34
N GLY B 10 2.18 3.84 -29.96
CA GLY B 10 1.67 5.10 -29.47
C GLY B 10 1.19 5.09 -28.03
N ALA B 11 1.09 3.92 -27.40
CA ALA B 11 0.62 3.87 -26.02
C ALA B 11 1.61 4.53 -25.07
N TRP B 12 2.91 4.34 -25.32
CA TRP B 12 3.98 4.92 -24.50
C TRP B 12 5.03 5.50 -25.44
N PRO B 13 4.79 6.71 -25.95
CA PRO B 13 5.68 7.28 -26.97
C PRO B 13 6.99 7.82 -26.41
N TRP B 14 7.11 7.96 -25.09
CA TRP B 14 8.36 8.41 -24.48
C TRP B 14 9.31 7.26 -24.16
N GLN B 15 8.81 6.03 -24.15
CA GLN B 15 9.65 4.88 -23.84
C GLN B 15 10.69 4.68 -24.94
N VAL B 16 11.95 4.52 -24.53
CA VAL B 16 13.04 4.21 -25.46
C VAL B 16 13.83 3.02 -24.93
N SER B 17 14.43 2.28 -25.85
CA SER B 17 15.29 1.16 -25.54
C SER B 17 16.74 1.59 -25.73
N LEU B 18 17.54 1.48 -24.68
CA LEU B 18 18.94 1.89 -24.71
C LEU B 18 19.82 0.67 -24.91
N HIS B 19 20.51 0.61 -26.03
CA HIS B 19 21.40 -0.50 -26.36
C HIS B 19 22.84 -0.09 -26.09
N VAL B 20 23.60 -0.96 -25.41
CA VAL B 20 25.05 -0.85 -25.35
C VAL B 20 25.60 -2.02 -26.16
N GLN B 21 26.44 -1.68 -27.14
CA GLN B 21 26.93 -2.66 -28.12
C GLN B 21 25.78 -3.42 -28.77
N ASN B 22 24.73 -2.69 -29.13
CA ASN B 22 23.57 -3.18 -29.87
C ASN B 22 22.80 -4.26 -29.12
N VAL B 23 22.95 -4.35 -27.80
CA VAL B 23 22.17 -5.25 -26.97
C VAL B 23 21.38 -4.40 -25.98
N HIS B 24 20.08 -4.68 -25.86
CA HIS B 24 19.26 -3.94 -24.91
C HIS B 24 19.76 -4.14 -23.49
N VAL B 25 19.79 -3.07 -22.71
CA VAL B 25 20.29 -3.12 -21.35
C VAL B 25 19.36 -2.35 -20.42
N CYS B 26 18.99 -1.13 -20.82
CA CYS B 26 18.17 -0.28 -19.97
C CYS B 26 17.14 0.45 -20.82
N GLY B 27 16.15 1.05 -20.14
CA GLY B 27 15.16 1.88 -20.77
C GLY B 27 15.33 3.34 -20.37
N GLY B 28 14.53 4.19 -21.01
CA GLY B 28 14.61 5.62 -20.75
C GLY B 28 13.31 6.30 -21.10
N SER B 29 13.27 7.60 -20.85
CA SER B 29 12.07 8.40 -21.07
C SER B 29 12.45 9.70 -21.76
N ILE B 30 11.83 9.97 -22.91
CA ILE B 30 12.07 11.21 -23.62
C ILE B 30 11.42 12.37 -22.88
N ILE B 31 12.17 13.47 -22.72
CA ILE B 31 11.63 14.67 -22.10
C ILE B 31 11.76 15.84 -23.06
N THR B 32 12.81 15.87 -23.87
CA THR B 32 12.97 16.87 -24.93
C THR B 32 13.37 16.13 -26.20
N PRO B 33 13.37 16.78 -27.40
CA PRO B 33 13.80 16.07 -28.61
C PRO B 33 15.20 15.46 -28.52
N GLU B 34 16.02 15.91 -27.57
CA GLU B 34 17.39 15.42 -27.49
C GLU B 34 17.83 14.97 -26.09
N TRP B 35 16.92 14.96 -25.11
CA TRP B 35 17.26 14.55 -23.75
C TRP B 35 16.42 13.34 -23.33
N ILE B 36 17.08 12.38 -22.69
CA ILE B 36 16.44 11.15 -22.23
C ILE B 36 16.81 10.91 -20.78
N VAL B 37 15.82 10.63 -19.95
CA VAL B 37 16.02 10.34 -18.53
C VAL B 37 16.17 8.84 -18.36
N THR B 38 17.16 8.42 -17.59
CA THR B 38 17.44 7.00 -17.35
C THR B 38 18.07 6.85 -15.98
N ALA B 39 18.57 5.65 -15.69
CA ALA B 39 19.17 5.34 -14.39
C ALA B 39 20.68 5.49 -14.44
N ALA B 40 21.26 5.90 -13.31
CA ALA B 40 22.70 6.09 -13.24
C ALA B 40 23.46 4.77 -13.13
N HIS B 41 22.86 3.76 -12.51
CA HIS B 41 23.53 2.46 -12.43
C HIS B 41 23.63 1.78 -13.78
N CYS B 42 22.84 2.22 -14.76
CA CYS B 42 22.97 1.70 -16.12
C CYS B 42 24.27 2.16 -16.76
N VAL B 43 24.80 3.31 -16.34
CA VAL B 43 25.94 3.92 -17.02
C VAL B 43 27.14 4.04 -16.08
N GLU B 44 27.26 3.10 -15.15
CA GLU B 44 28.48 3.00 -14.36
C GLU B 44 29.64 2.59 -15.26
N LYS B 45 30.84 3.05 -14.90
CA LYS B 45 32.03 2.72 -15.68
C LYS B 45 32.21 1.21 -15.78
N PRO B 46 32.70 0.70 -16.92
CA PRO B 46 33.14 1.43 -18.12
C PRO B 46 32.03 1.69 -19.12
N LEU B 47 30.77 1.67 -18.69
CA LEU B 47 29.63 1.92 -19.58
C LEU B 47 29.22 3.39 -19.60
N ASN B 48 30.12 4.30 -19.28
CA ASN B 48 29.84 5.73 -19.32
C ASN B 48 30.32 6.39 -20.60
N ASN B 49 30.93 5.65 -21.49
CA ASN B 49 31.34 6.17 -22.79
C ASN B 49 30.11 6.35 -23.67
N PRO B 50 29.72 7.57 -24.03
CA PRO B 50 28.48 7.75 -24.80
C PRO B 50 28.54 7.16 -26.19
N TRP B 51 29.73 6.87 -26.71
CA TRP B 51 29.86 6.24 -28.01
C TRP B 51 29.30 4.82 -28.03
N HIS B 52 29.17 4.18 -26.87
CA HIS B 52 28.70 2.79 -26.82
C HIS B 52 27.18 2.68 -26.84
N TRP B 53 26.46 3.77 -26.62
CA TRP B 53 25.03 3.74 -26.41
C TRP B 53 24.29 4.23 -27.65
N THR B 54 23.23 3.51 -28.01
CA THR B 54 22.29 3.91 -29.05
C THR B 54 20.87 3.78 -28.51
N ALA B 55 20.01 4.72 -28.88
CA ALA B 55 18.66 4.80 -28.36
C ALA B 55 17.65 4.50 -29.46
N PHE B 56 16.66 3.66 -29.15
CA PHE B 56 15.63 3.27 -30.10
C PHE B 56 14.29 3.80 -29.62
N ALA B 57 13.66 4.65 -30.43
CA ALA B 57 12.37 5.25 -30.10
C ALA B 57 11.33 4.81 -31.11
N GLY B 58 10.08 4.72 -30.65
CA GLY B 58 8.96 4.37 -31.50
C GLY B 58 8.93 2.93 -31.98
N ILE B 59 9.92 2.12 -31.62
CA ILE B 59 9.98 0.72 -32.03
C ILE B 59 9.62 -0.15 -30.84
N LEU B 60 8.68 -1.08 -31.05
CA LEU B 60 8.13 -1.88 -29.95
C LEU B 60 8.79 -3.25 -29.81
N ARG B 61 9.49 -3.73 -30.82
N ARG B 61 9.48 -3.73 -30.82
CA ARG B 61 10.10 -5.06 -30.80
CA ARG B 61 10.10 -5.06 -30.80
C ARG B 61 11.61 -4.95 -30.93
C ARG B 61 11.60 -4.92 -30.89
N GLN B 62 12.31 -5.78 -30.17
CA GLN B 62 13.78 -5.73 -30.17
C GLN B 62 14.36 -6.19 -31.50
N SER B 63 13.71 -7.14 -32.17
CA SER B 63 14.23 -7.61 -33.46
C SER B 63 14.09 -6.57 -34.56
N PHE B 64 13.22 -5.58 -34.37
CA PHE B 64 13.10 -4.46 -35.30
C PHE B 64 14.01 -3.30 -34.94
N MET B 65 14.95 -3.50 -34.01
CA MET B 65 15.88 -2.45 -33.61
C MET B 65 17.24 -2.67 -34.27
N PHE B 66 17.22 -2.59 -35.60
CA PHE B 66 18.45 -2.73 -36.36
C PHE B 66 19.39 -1.57 -36.09
N TYR B 67 20.69 -1.85 -36.16
CA TYR B 67 21.69 -0.79 -36.04
C TYR B 67 21.51 0.20 -37.18
N GLY B 68 21.42 1.48 -36.85
CA GLY B 68 21.09 2.53 -37.79
C GLY B 68 19.67 3.05 -37.64
N ALA B 69 18.76 2.21 -37.14
CA ALA B 69 17.45 2.72 -36.75
C ALA B 69 17.51 3.45 -35.42
N GLY B 70 18.61 3.30 -34.69
CA GLY B 70 18.79 3.97 -33.42
C GLY B 70 19.59 5.25 -33.55
N TYR B 71 19.46 6.09 -32.52
CA TYR B 71 20.11 7.39 -32.47
C TYR B 71 21.39 7.29 -31.66
N GLN B 72 22.44 7.95 -32.14
CA GLN B 72 23.72 7.93 -31.45
C GLN B 72 23.67 8.83 -30.23
N VAL B 73 24.03 8.29 -29.07
CA VAL B 73 24.08 9.06 -27.84
C VAL B 73 25.36 9.88 -27.83
N GLU B 74 25.22 11.19 -27.59
CA GLU B 74 26.35 12.11 -27.60
C GLU B 74 26.97 12.28 -26.22
N LYS B 75 26.15 12.44 -25.17
CA LYS B 75 26.65 12.67 -23.83
C LYS B 75 25.87 11.85 -22.82
N VAL B 76 26.55 11.48 -21.74
CA VAL B 76 25.95 10.74 -20.63
C VAL B 76 26.34 11.45 -19.34
N ILE B 77 25.34 11.77 -18.52
CA ILE B 77 25.55 12.53 -17.30
C ILE B 77 24.91 11.75 -16.15
N SER B 78 25.74 11.13 -15.31
CA SER B 78 25.24 10.54 -14.08
C SER B 78 25.09 11.61 -13.01
N HIS B 79 24.17 11.37 -12.08
CA HIS B 79 23.99 12.30 -10.97
C HIS B 79 25.28 12.36 -10.16
N PRO B 80 25.78 13.54 -9.82
CA PRO B 80 27.07 13.63 -9.13
C PRO B 80 27.05 13.09 -7.72
N ASN B 81 25.86 12.90 -7.12
CA ASN B 81 25.73 12.31 -5.79
C ASN B 81 25.32 10.85 -5.84
N TYR B 82 25.51 10.18 -6.98
CA TYR B 82 25.07 8.80 -7.11
C TYR B 82 25.97 7.88 -6.31
N ASP B 83 25.36 7.04 -5.47
CA ASP B 83 26.05 6.06 -4.66
C ASP B 83 25.66 4.67 -5.17
N SER B 84 26.64 3.90 -5.62
CA SER B 84 26.35 2.59 -6.21
C SER B 84 25.99 1.54 -5.16
N LYS B 85 26.42 1.71 -3.92
CA LYS B 85 26.12 0.71 -2.88
C LYS B 85 24.67 0.80 -2.42
N THR B 86 24.18 2.03 -2.18
CA THR B 86 22.82 2.23 -1.72
C THR B 86 21.84 2.55 -2.84
N LYS B 87 22.35 2.75 -4.07
CA LYS B 87 21.52 3.13 -5.21
C LYS B 87 20.79 4.44 -4.96
N ASN B 88 21.42 5.35 -4.20
CA ASN B 88 20.85 6.65 -3.91
C ASN B 88 21.16 7.62 -5.03
N ASN B 89 20.17 8.45 -5.38
CA ASN B 89 20.26 9.38 -6.50
C ASN B 89 20.57 8.63 -7.80
N ASP B 90 19.80 7.58 -8.05
CA ASP B 90 20.00 6.71 -9.21
C ASP B 90 19.28 7.30 -10.42
N ILE B 91 19.87 8.37 -10.95
CA ILE B 91 19.28 9.14 -12.05
C ILE B 91 20.40 9.59 -12.98
N ALA B 92 20.12 9.58 -14.29
CA ALA B 92 21.11 9.94 -15.29
C ALA B 92 20.41 10.51 -16.50
N LEU B 93 21.10 11.43 -17.19
CA LEU B 93 20.61 12.05 -18.40
C LEU B 93 21.47 11.62 -19.59
N MET B 94 20.83 11.52 -20.75
CA MET B 94 21.50 11.20 -21.99
C MET B 94 21.09 12.20 -23.06
N LYS B 95 22.07 12.76 -23.76
CA LYS B 95 21.82 13.68 -24.85
C LYS B 95 22.04 12.96 -26.17
N LEU B 96 21.11 13.12 -27.10
CA LEU B 96 21.22 12.53 -28.42
C LEU B 96 22.02 13.44 -29.34
N GLN B 97 22.72 12.83 -30.29
CA GLN B 97 23.53 13.60 -31.22
C GLN B 97 22.66 14.32 -32.25
N LYS B 98 21.57 13.68 -32.66
CA LYS B 98 20.60 14.26 -33.57
C LYS B 98 19.21 14.23 -32.91
N PRO B 99 18.50 15.35 -32.89
CA PRO B 99 17.20 15.38 -32.21
C PRO B 99 16.19 14.45 -32.87
N LEU B 100 15.26 13.95 -32.06
CA LEU B 100 14.21 13.07 -32.54
C LEU B 100 13.17 13.85 -33.33
N THR B 101 12.33 13.12 -34.06
CA THR B 101 11.20 13.68 -34.78
C THR B 101 9.92 13.18 -34.11
N PHE B 102 9.17 14.09 -33.52
CA PHE B 102 7.99 13.71 -32.74
C PHE B 102 6.80 13.44 -33.65
N ASN B 103 6.05 12.40 -33.31
CA ASN B 103 4.84 12.02 -34.02
C ASN B 103 3.98 11.18 -33.07
N ASP B 104 2.99 10.47 -33.61
CA ASP B 104 2.12 9.66 -32.75
C ASP B 104 2.87 8.56 -32.03
N LEU B 105 4.04 8.17 -32.52
CA LEU B 105 4.80 7.07 -31.95
C LEU B 105 5.94 7.54 -31.04
N VAL B 106 6.39 8.78 -31.19
CA VAL B 106 7.48 9.33 -30.39
C VAL B 106 7.03 10.68 -29.84
N LYS B 107 6.84 10.75 -28.53
CA LYS B 107 6.41 11.97 -27.84
C LYS B 107 7.12 12.04 -26.50
N PRO B 108 7.41 13.24 -26.02
CA PRO B 108 8.02 13.36 -24.69
C PRO B 108 6.98 13.27 -23.58
N VAL B 109 7.47 12.90 -22.40
CA VAL B 109 6.68 12.90 -21.18
C VAL B 109 7.03 14.16 -20.40
N CYS B 110 6.06 14.71 -19.69
CA CYS B 110 6.27 15.95 -18.96
C CYS B 110 7.06 15.69 -17.68
N LEU B 111 8.05 16.54 -17.44
CA LEU B 111 8.75 16.51 -16.16
C LEU B 111 7.81 17.00 -15.05
N PRO B 112 7.90 16.42 -13.85
CA PRO B 112 6.94 16.78 -12.81
C PRO B 112 7.21 18.16 -12.24
N ASN B 113 6.13 18.83 -11.86
CA ASN B 113 6.17 20.16 -11.28
C ASN B 113 5.99 20.08 -9.77
N PRO B 114 6.44 21.08 -9.02
CA PRO B 114 6.15 21.11 -7.58
C PRO B 114 4.66 21.31 -7.33
N GLY B 115 4.18 20.71 -6.25
CA GLY B 115 2.78 20.81 -5.92
C GLY B 115 1.87 19.97 -6.80
N MET B 116 2.29 18.76 -7.14
CA MET B 116 1.45 17.87 -7.94
C MET B 116 0.27 17.33 -7.15
N MET B 117 0.35 17.33 -5.82
CA MET B 117 -0.73 16.89 -4.93
C MET B 117 -1.18 15.47 -5.28
N LEU B 118 -0.21 14.57 -5.45
CA LEU B 118 -0.53 13.19 -5.77
C LEU B 118 -1.13 12.47 -4.56
N GLN B 119 -1.90 11.44 -4.85
CA GLN B 119 -2.54 10.65 -3.81
C GLN B 119 -1.54 9.72 -3.15
N PRO B 120 -1.82 9.26 -1.92
CA PRO B 120 -0.90 8.33 -1.26
C PRO B 120 -0.67 7.05 -2.04
N GLU B 121 -1.69 6.56 -2.75
CA GLU B 121 -1.59 5.34 -3.55
C GLU B 121 -2.02 5.64 -4.99
N GLN B 122 -1.39 6.64 -5.59
CA GLN B 122 -1.75 7.09 -6.92
C GLN B 122 -1.49 5.98 -7.94
N LEU B 123 -2.44 5.79 -8.85
CA LEU B 123 -2.30 4.78 -9.89
C LEU B 123 -1.26 5.22 -10.92
N CYS B 124 -0.27 4.37 -11.16
CA CYS B 124 0.83 4.66 -12.06
C CYS B 124 1.03 3.51 -13.04
N TRP B 125 1.87 3.75 -14.04
CA TRP B 125 2.20 2.77 -15.05
C TRP B 125 3.71 2.64 -15.16
N ILE B 126 4.19 1.41 -15.29
CA ILE B 126 5.58 1.13 -15.61
C ILE B 126 5.62 0.44 -16.96
N SER B 127 6.74 0.60 -17.67
CA SER B 127 6.89 0.01 -18.99
C SER B 127 8.36 -0.23 -19.28
N GLY B 128 8.61 -1.20 -20.15
CA GLY B 128 9.98 -1.54 -20.52
C GLY B 128 10.03 -2.92 -21.13
N TRP B 129 11.20 -3.23 -21.70
CA TRP B 129 11.46 -4.53 -22.29
C TRP B 129 12.11 -5.51 -21.32
N GLY B 130 12.00 -5.25 -20.02
CA GLY B 130 12.56 -6.15 -19.02
C GLY B 130 11.90 -7.52 -19.06
N ALA B 131 12.55 -8.46 -18.39
CA ALA B 131 12.06 -9.83 -18.36
C ALA B 131 10.67 -9.89 -17.74
N THR B 132 9.86 -10.84 -18.22
CA THR B 132 8.52 -11.06 -17.72
C THR B 132 8.49 -11.98 -16.52
N GLU B 133 9.63 -12.56 -16.13
CA GLU B 133 9.72 -13.38 -14.94
C GLU B 133 11.12 -13.23 -14.36
N GLU B 134 11.25 -13.60 -13.09
CA GLU B 134 12.53 -13.43 -12.40
C GLU B 134 13.61 -14.29 -13.05
N LYS B 135 14.82 -13.73 -13.16
CA LYS B 135 15.96 -14.37 -13.81
C LYS B 135 15.65 -14.73 -15.27
N GLY B 136 14.79 -13.94 -15.91
CA GLY B 136 14.43 -14.17 -17.30
C GLY B 136 15.31 -13.40 -18.26
N LYS B 137 14.97 -13.53 -19.54
CA LYS B 137 15.69 -12.85 -20.61
C LYS B 137 14.93 -11.60 -21.05
N THR B 138 15.64 -10.74 -21.78
CA THR B 138 15.04 -9.50 -22.25
C THR B 138 13.85 -9.79 -23.15
N SER B 139 12.70 -9.23 -22.78
CA SER B 139 11.49 -9.43 -23.56
C SER B 139 11.63 -8.81 -24.96
N GLU B 140 11.00 -9.46 -25.93
CA GLU B 140 11.02 -8.96 -27.30
C GLU B 140 10.11 -7.74 -27.46
N VAL B 141 8.87 -7.83 -26.97
CA VAL B 141 7.89 -6.77 -27.13
C VAL B 141 7.89 -5.87 -25.91
N LEU B 142 7.49 -4.62 -26.10
CA LEU B 142 7.36 -3.69 -25.00
C LEU B 142 6.17 -4.06 -24.13
N ASN B 143 6.38 -4.14 -22.82
CA ASN B 143 5.34 -4.50 -21.87
C ASN B 143 5.09 -3.34 -20.92
N ALA B 144 3.90 -3.33 -20.31
CA ALA B 144 3.51 -2.28 -19.38
C ALA B 144 2.50 -2.84 -18.39
N ALA B 145 2.52 -2.29 -17.18
CA ALA B 145 1.66 -2.80 -16.11
C ALA B 145 1.23 -1.65 -15.21
N LYS B 146 0.16 -1.89 -14.45
CA LYS B 146 -0.36 -0.94 -13.48
C LYS B 146 0.25 -1.18 -12.11
N VAL B 147 0.80 -0.13 -11.51
CA VAL B 147 1.33 -0.18 -10.16
C VAL B 147 0.73 0.98 -9.36
N LEU B 148 0.69 0.81 -8.04
CA LEU B 148 0.22 1.84 -7.13
C LEU B 148 1.39 2.38 -6.32
N LEU B 149 1.36 3.68 -6.04
CA LEU B 149 2.37 4.27 -5.17
C LEU B 149 2.24 3.72 -3.76
N ILE B 150 3.38 3.41 -3.15
CA ILE B 150 3.43 2.95 -1.77
C ILE B 150 4.09 4.03 -0.94
N GLU B 151 3.40 4.45 0.12
CA GLU B 151 3.93 5.48 1.02
C GLU B 151 5.32 5.08 1.52
N THR B 152 6.24 6.06 1.51
CA THR B 152 7.61 5.77 1.94
C THR B 152 7.67 5.32 3.39
N GLN B 153 6.76 5.80 4.23
CA GLN B 153 6.70 5.32 5.61
C GLN B 153 6.38 3.84 5.67
N ARG B 154 5.46 3.38 4.82
CA ARG B 154 5.15 1.96 4.74
C ARG B 154 6.30 1.18 4.12
N CYS B 155 6.93 1.76 3.09
CA CYS B 155 8.02 1.06 2.42
C CYS B 155 9.27 0.97 3.30
N ASN B 156 9.43 1.92 4.23
CA ASN B 156 10.55 1.91 5.16
C ASN B 156 10.30 1.03 6.38
N SER B 157 9.17 0.33 6.43
CA SER B 157 8.87 -0.54 7.55
C SER B 157 9.94 -1.62 7.70
N ARG B 158 10.06 -2.14 8.92
CA ARG B 158 11.01 -3.21 9.18
C ARG B 158 10.66 -4.49 8.44
N TYR B 159 9.43 -4.61 7.94
CA TYR B 159 9.00 -5.78 7.19
C TYR B 159 9.06 -5.59 5.68
N VAL B 160 9.39 -4.39 5.21
CA VAL B 160 9.56 -4.14 3.77
C VAL B 160 11.03 -3.87 3.49
N TYR B 161 11.41 -2.59 3.47
CA TYR B 161 12.81 -2.18 3.29
C TYR B 161 13.17 -1.33 4.50
N ASP B 162 13.94 -1.90 5.43
CA ASP B 162 14.20 -1.28 6.72
C ASP B 162 14.97 0.02 6.61
N ASN B 163 14.25 1.14 6.47
CA ASN B 163 14.85 2.48 6.41
C ASN B 163 15.88 2.60 5.29
N LEU B 164 15.71 1.82 4.23
CA LEU B 164 16.58 1.90 3.06
C LEU B 164 16.07 2.84 1.99
N ILE B 165 14.82 3.27 2.08
CA ILE B 165 14.20 4.13 1.08
C ILE B 165 14.46 5.58 1.49
N THR B 166 15.30 6.26 0.74
CA THR B 166 15.67 7.65 1.01
C THR B 166 14.68 8.59 0.34
N PRO B 167 14.70 9.89 0.70
CA PRO B 167 13.82 10.85 0.00
C PRO B 167 14.09 10.95 -1.50
N ALA B 168 15.26 10.53 -1.97
CA ALA B 168 15.53 10.50 -3.41
C ALA B 168 14.93 9.27 -4.08
N MET B 169 14.21 8.43 -3.33
CA MET B 169 13.57 7.24 -3.87
C MET B 169 12.09 7.26 -3.53
N ILE B 170 11.30 6.57 -4.36
CA ILE B 170 9.89 6.33 -4.10
C ILE B 170 9.61 4.86 -4.41
N CYS B 171 8.55 4.34 -3.79
CA CYS B 171 8.15 2.94 -3.97
C CYS B 171 6.88 2.87 -4.80
N ALA B 172 6.77 1.80 -5.58
CA ALA B 172 5.58 1.54 -6.37
C ALA B 172 5.47 0.04 -6.60
N GLY B 173 4.24 -0.41 -6.83
CA GLY B 173 3.94 -1.82 -7.00
C GLY B 173 2.90 -2.28 -5.99
N PHE B 174 3.10 -3.50 -5.49
CA PHE B 174 2.18 -4.10 -4.53
C PHE B 174 2.97 -4.91 -3.51
N LEU B 175 2.61 -4.77 -2.24
CA LEU B 175 3.28 -5.52 -1.18
C LEU B 175 3.02 -7.01 -1.25
N GLN B 176 2.05 -7.45 -2.05
CA GLN B 176 1.85 -8.87 -2.29
C GLN B 176 2.64 -9.38 -3.48
N GLY B 177 3.16 -8.48 -4.33
CA GLY B 177 3.97 -8.87 -5.46
C GLY B 177 3.16 -9.03 -6.74
N ASN B 178 3.56 -10.00 -7.56
CA ASN B 178 2.87 -10.39 -8.80
C ASN B 178 3.06 -9.40 -9.93
N VAL B 179 3.21 -8.12 -9.62
CA VAL B 179 3.38 -7.07 -10.62
C VAL B 179 4.55 -6.18 -10.19
N ASP B 180 5.53 -6.03 -11.07
CA ASP B 180 6.73 -5.26 -10.75
C ASP B 180 7.55 -5.11 -12.02
N SER B 181 8.47 -4.15 -12.00
CA SER B 181 9.54 -4.12 -12.97
C SER B 181 10.50 -5.27 -12.73
N CYS B 182 11.50 -5.41 -13.61
CA CYS B 182 12.43 -6.52 -13.49
C CYS B 182 13.68 -6.21 -14.30
N GLN B 183 14.56 -7.20 -14.40
CA GLN B 183 15.82 -7.13 -15.13
C GLN B 183 15.62 -6.65 -16.56
N GLY B 184 16.13 -5.46 -16.86
CA GLY B 184 15.98 -4.85 -18.17
C GLY B 184 15.08 -3.63 -18.19
N ASP B 185 14.38 -3.34 -17.09
CA ASP B 185 13.49 -2.18 -17.02
C ASP B 185 14.17 -0.95 -16.43
N ALA B 186 15.42 -1.07 -15.99
CA ALA B 186 16.08 0.02 -15.29
C ALA B 186 16.13 1.28 -16.14
N GLY B 187 15.92 2.42 -15.51
CA GLY B 187 15.82 3.69 -16.19
C GLY B 187 14.50 3.94 -16.89
N GLY B 188 13.61 2.96 -16.90
CA GLY B 188 12.32 3.09 -17.56
C GLY B 188 11.38 4.03 -16.83
N PRO B 189 10.28 4.40 -17.49
CA PRO B 189 9.39 5.40 -16.91
C PRO B 189 8.46 4.82 -15.85
N LEU B 190 8.21 5.62 -14.82
CA LEU B 190 7.11 5.44 -13.88
C LEU B 190 6.24 6.68 -14.00
N VAL B 191 5.09 6.54 -14.65
CA VAL B 191 4.28 7.70 -15.03
C VAL B 191 2.89 7.59 -14.41
N THR B 192 2.30 8.76 -14.16
CA THR B 192 0.92 8.86 -13.69
C THR B 192 0.20 9.92 -14.51
N SER B 193 -1.12 9.88 -14.46
CA SER B 193 -1.98 10.78 -15.23
C SER B 193 -2.73 11.70 -14.29
N LYS B 194 -2.60 13.01 -14.51
CA LYS B 194 -3.33 14.01 -13.74
C LYS B 194 -3.52 15.24 -14.62
N ASN B 195 -4.73 15.78 -14.62
CA ASN B 195 -5.12 16.91 -15.48
C ASN B 195 -4.95 16.53 -16.95
N ASN B 196 -5.23 15.26 -17.28
CA ASN B 196 -5.15 14.74 -18.65
C ASN B 196 -3.73 14.86 -19.22
N ILE B 197 -2.73 14.82 -18.35
CA ILE B 197 -1.33 14.91 -18.76
C ILE B 197 -0.56 13.78 -18.09
N TRP B 198 0.32 13.12 -18.84
CA TRP B 198 1.19 12.09 -18.29
C TRP B 198 2.48 12.74 -17.79
N TRP B 199 2.87 12.39 -16.56
CA TRP B 199 4.04 12.96 -15.92
C TRP B 199 5.02 11.86 -15.55
N LEU B 200 6.31 12.14 -15.66
CA LEU B 200 7.36 11.21 -15.28
C LEU B 200 7.68 11.44 -13.81
N ILE B 201 7.18 10.56 -12.94
CA ILE B 201 7.42 10.71 -11.50
C ILE B 201 8.57 9.85 -10.99
N GLY B 202 9.01 8.85 -11.76
CA GLY B 202 10.09 7.99 -11.31
C GLY B 202 10.78 7.30 -12.46
N ASP B 203 12.03 6.93 -12.24
CA ASP B 203 12.79 6.09 -13.16
C ASP B 203 13.15 4.80 -12.44
N THR B 204 12.98 3.66 -13.12
CA THR B 204 13.16 2.36 -12.50
C THR B 204 14.58 2.24 -11.94
N SER B 205 14.67 1.94 -10.65
CA SER B 205 15.95 1.95 -9.96
C SER B 205 16.38 0.56 -9.51
N TRP B 206 15.86 0.10 -8.37
CA TRP B 206 16.35 -1.14 -7.77
C TRP B 206 15.21 -1.85 -7.05
N GLY B 207 15.56 -2.97 -6.43
CA GLY B 207 14.60 -3.78 -5.71
C GLY B 207 15.22 -5.13 -5.39
N SER B 208 14.49 -5.90 -4.59
CA SER B 208 14.90 -7.25 -4.20
C SER B 208 14.02 -8.24 -4.94
N GLY B 209 14.61 -8.97 -5.88
CA GLY B 209 13.83 -9.89 -6.70
C GLY B 209 12.94 -9.14 -7.67
N CYS B 210 11.92 -9.84 -8.16
CA CYS B 210 10.93 -9.26 -9.05
C CYS B 210 9.56 -9.74 -8.64
N ALA B 211 8.66 -8.81 -8.32
CA ALA B 211 7.27 -9.10 -8.01
C ALA B 211 7.12 -10.08 -6.85
N LYS B 212 8.00 -9.96 -5.86
CA LYS B 212 7.93 -10.79 -4.66
C LYS B 212 7.19 -10.06 -3.56
N ALA B 213 6.60 -10.82 -2.64
CA ALA B 213 5.90 -10.21 -1.52
C ALA B 213 6.87 -9.46 -0.63
N TYR B 214 6.40 -8.32 -0.09
CA TYR B 214 7.18 -7.42 0.77
C TYR B 214 8.37 -6.81 0.05
N ARG B 215 8.46 -6.95 -1.27
CA ARG B 215 9.59 -6.45 -2.05
C ARG B 215 9.07 -5.69 -3.27
N PRO B 216 8.52 -4.50 -3.06
CA PRO B 216 8.06 -3.71 -4.21
C PRO B 216 9.21 -3.09 -4.98
N GLY B 217 8.91 -2.42 -6.08
CA GLY B 217 9.95 -1.77 -6.85
C GLY B 217 10.30 -0.40 -6.30
N VAL B 218 11.58 -0.07 -6.37
CA VAL B 218 12.09 1.24 -5.95
C VAL B 218 12.46 2.03 -7.18
N TYR B 219 12.13 3.31 -7.18
CA TYR B 219 12.32 4.18 -8.34
C TYR B 219 12.94 5.49 -7.87
N GLY B 220 13.75 6.09 -8.74
CA GLY B 220 14.32 7.39 -8.44
C GLY B 220 13.24 8.46 -8.42
N ASN B 221 13.22 9.25 -7.34
CA ASN B 221 12.23 10.32 -7.21
C ASN B 221 12.57 11.47 -8.15
N VAL B 222 12.00 11.44 -9.35
CA VAL B 222 12.35 12.43 -10.38
C VAL B 222 11.99 13.84 -9.93
N MET B 223 10.95 13.98 -9.09
CA MET B 223 10.59 15.30 -8.58
C MET B 223 11.74 15.92 -7.80
N VAL B 224 12.46 15.12 -7.00
CA VAL B 224 13.61 15.62 -6.27
C VAL B 224 14.73 16.02 -7.23
N PHE B 225 14.94 15.25 -8.29
CA PHE B 225 15.98 15.52 -9.26
C PHE B 225 15.59 16.55 -10.30
N THR B 226 14.45 17.22 -10.13
CA THR B 226 13.97 18.16 -11.14
C THR B 226 14.93 19.34 -11.30
N ASP B 227 15.40 19.90 -10.18
CA ASP B 227 16.34 21.02 -10.26
C ASP B 227 17.61 20.63 -11.00
N TRP B 228 18.13 19.43 -10.73
CA TRP B 228 19.37 18.99 -11.38
C TRP B 228 19.18 18.81 -12.87
N ILE B 229 18.03 18.29 -13.30
CA ILE B 229 17.78 18.08 -14.72
C ILE B 229 17.75 19.41 -15.46
N TYR B 230 17.01 20.37 -14.91
CA TYR B 230 16.92 21.70 -15.53
C TYR B 230 18.29 22.36 -15.60
N ARG B 231 19.11 22.20 -14.57
CA ARG B 231 20.44 22.80 -14.57
C ARG B 231 21.32 22.20 -15.67
N GLN B 232 21.18 20.89 -15.91
CA GLN B 232 21.98 20.25 -16.95
C GLN B 232 21.56 20.73 -18.33
N MET B 233 20.26 20.70 -18.62
CA MET B 233 19.78 21.17 -19.91
C MET B 233 20.08 22.65 -20.12
N ARG B 234 20.07 23.44 -19.04
CA ARG B 234 20.36 24.86 -19.17
C ARG B 234 21.81 25.09 -19.57
N ALA B 235 22.73 24.25 -19.05
CA ALA B 235 24.15 24.40 -19.34
C ALA B 235 24.51 23.93 -20.76
N ASP B 236 23.79 22.95 -21.29
CA ASP B 236 24.10 22.48 -22.65
C ASP B 236 23.70 23.51 -23.70
N GLY B 237 22.60 24.23 -23.46
CA GLY B 237 22.23 25.32 -24.34
C GLY B 237 23.32 26.38 -24.44
N GLU B 238 23.99 26.65 -23.31
CA GLU B 238 25.16 27.52 -23.23
C GLU B 238 25.01 28.83 -24.01
N LEU C 2 -43.19 -37.74 27.83
CA LEU C 2 -43.56 -37.95 29.23
C LEU C 2 -42.64 -37.19 30.22
N PRO C 3 -41.31 -37.29 30.07
CA PRO C 3 -40.44 -36.52 30.97
C PRO C 3 -40.48 -35.04 30.63
N ASP C 4 -40.04 -34.23 31.60
CA ASP C 4 -40.04 -32.77 31.44
C ASP C 4 -38.76 -32.32 30.77
N CYS C 5 -38.88 -31.29 29.92
CA CYS C 5 -37.71 -30.78 29.20
C CYS C 5 -36.74 -30.08 30.14
N ASP C 6 -37.26 -29.39 31.15
CA ASP C 6 -36.44 -28.65 32.13
C ASP C 6 -35.51 -27.67 31.43
N ILE C 7 -36.04 -26.97 30.42
CA ILE C 7 -35.24 -25.98 29.70
C ILE C 7 -34.82 -24.85 30.61
N ASP C 8 -35.67 -24.48 31.57
CA ASP C 8 -35.38 -23.36 32.45
C ASP C 8 -34.14 -23.64 33.31
N LYS C 9 -33.97 -24.89 33.75
CA LYS C 9 -32.82 -25.22 34.58
C LYS C 9 -31.52 -25.12 33.80
N TRP C 10 -31.55 -25.52 32.52
CA TRP C 10 -30.35 -25.40 31.70
C TRP C 10 -30.03 -23.94 31.39
N LEU C 11 -31.06 -23.13 31.16
CA LEU C 11 -30.87 -21.71 30.89
C LEU C 11 -30.47 -20.93 32.14
N ASN C 12 -30.75 -21.47 33.32
CA ASN C 12 -30.45 -20.80 34.58
C ASN C 12 -29.23 -21.38 35.28
N ASN C 13 -28.43 -22.18 34.57
CA ASN C 13 -27.18 -22.68 35.14
C ASN C 13 -26.19 -21.54 35.31
N PHE C 14 -25.60 -21.44 36.50
CA PHE C 14 -24.71 -20.34 36.83
C PHE C 14 -23.33 -20.46 36.20
N ASN C 15 -23.06 -21.54 35.49
CA ASN C 15 -21.82 -21.69 34.72
C ASN C 15 -22.15 -21.30 33.29
N VAL C 16 -22.00 -20.02 32.98
CA VAL C 16 -22.42 -19.46 31.69
C VAL C 16 -21.18 -19.35 30.79
N PRO C 17 -21.23 -19.85 29.56
CA PRO C 17 -20.11 -19.69 28.65
C PRO C 17 -20.13 -18.33 27.96
N SER C 18 -18.98 -17.97 27.39
CA SER C 18 -18.88 -16.81 26.53
C SER C 18 -19.37 -17.15 25.13
N PRO C 19 -19.58 -16.16 24.26
CA PRO C 19 -19.93 -16.49 22.87
C PRO C 19 -18.85 -17.27 22.15
N LEU C 20 -17.59 -17.17 22.59
CA LEU C 20 -16.51 -17.93 21.96
C LEU C 20 -16.72 -19.43 22.13
N ASN C 21 -17.10 -19.86 23.34
CA ASN C 21 -17.32 -21.28 23.61
C ASN C 21 -18.80 -21.55 23.91
N TRP C 22 -19.68 -21.11 23.01
CA TRP C 22 -21.12 -21.24 23.23
C TRP C 22 -21.51 -22.71 23.34
N GLU C 23 -22.46 -22.98 24.24
CA GLU C 23 -22.90 -24.33 24.53
C GLU C 23 -24.24 -24.63 23.86
N ARG C 24 -24.49 -25.91 23.63
CA ARG C 24 -25.69 -26.36 22.93
C ARG C 24 -26.30 -27.56 23.67
N LYS C 25 -27.62 -27.54 23.80
CA LYS C 25 -28.37 -28.65 24.39
C LYS C 25 -29.55 -28.97 23.48
N ILE C 26 -29.63 -30.21 23.01
CA ILE C 26 -30.74 -30.66 22.19
C ILE C 26 -31.84 -31.17 23.10
N PHE C 27 -33.03 -30.56 23.00
CA PHE C 27 -34.19 -30.97 23.76
C PHE C 27 -35.13 -31.74 22.84
N SER C 28 -35.38 -33.00 23.17
CA SER C 28 -36.24 -33.85 22.35
C SER C 28 -36.92 -34.87 23.24
N ASN C 29 -38.13 -35.27 22.82
CA ASN C 29 -38.92 -36.28 23.50
C ASN C 29 -39.20 -35.88 24.95
N CYS C 30 -39.87 -34.74 25.10
CA CYS C 30 -40.19 -34.21 26.42
C CYS C 30 -41.35 -33.23 26.27
N ASN C 31 -41.80 -32.69 27.40
CA ASN C 31 -42.91 -31.76 27.46
C ASN C 31 -42.44 -30.46 28.10
N PHE C 32 -42.77 -29.33 27.47
CA PHE C 32 -42.32 -28.03 27.95
C PHE C 32 -43.49 -27.07 28.06
N ASN C 33 -43.40 -26.16 29.02
CA ASN C 33 -44.37 -25.09 29.20
C ASN C 33 -43.67 -23.77 28.88
N LEU C 34 -44.04 -23.18 27.74
CA LEU C 34 -43.42 -21.93 27.31
C LEU C 34 -43.73 -20.81 28.31
N SER C 35 -45.00 -20.70 28.72
CA SER C 35 -45.41 -19.59 29.58
C SER C 35 -44.68 -19.62 30.91
N THR C 36 -44.46 -20.82 31.47
CA THR C 36 -43.68 -20.92 32.71
C THR C 36 -42.19 -20.78 32.45
N LEU C 37 -41.73 -21.13 31.25
CA LEU C 37 -40.32 -20.96 30.91
C LEU C 37 -39.93 -19.50 30.95
N LEU C 38 -40.68 -18.64 30.26
CA LEU C 38 -40.40 -17.21 30.29
C LEU C 38 -40.58 -16.61 31.68
N ARG C 39 -41.33 -17.30 32.56
CA ARG C 39 -41.48 -16.82 33.93
C ARG C 39 -40.28 -17.21 34.79
N LEU C 40 -39.84 -18.47 34.68
CA LEU C 40 -38.75 -18.96 35.52
C LEU C 40 -37.42 -18.32 35.18
N VAL C 41 -37.19 -18.00 33.91
CA VAL C 41 -36.02 -17.21 33.54
C VAL C 41 -36.41 -15.74 33.54
N HIS C 42 -35.45 -14.87 33.87
CA HIS C 42 -35.69 -13.43 33.97
C HIS C 42 -35.71 -12.86 32.56
N THR C 43 -36.82 -13.09 31.86
CA THR C 43 -36.91 -12.76 30.44
C THR C 43 -36.95 -11.25 30.23
N ASP C 44 -36.09 -10.77 29.33
CA ASP C 44 -36.10 -9.40 28.83
C ASP C 44 -36.80 -9.27 27.49
N SER C 45 -36.55 -10.19 26.57
CA SER C 45 -37.12 -10.15 25.23
C SER C 45 -37.17 -11.56 24.67
N PHE C 46 -38.23 -11.85 23.90
CA PHE C 46 -38.38 -13.15 23.25
C PHE C 46 -39.17 -12.94 21.96
N SER C 47 -38.45 -12.86 20.84
CA SER C 47 -39.05 -12.75 19.53
C SER C 47 -38.65 -13.95 18.68
N CYS C 48 -39.35 -14.14 17.57
CA CYS C 48 -39.11 -15.28 16.70
C CYS C 48 -38.93 -14.81 15.26
N ASN C 49 -38.17 -15.59 14.49
CA ASN C 49 -37.88 -15.30 13.09
C ASN C 49 -38.27 -16.51 12.24
N ASN C 50 -38.90 -16.23 11.09
CA ASN C 50 -39.44 -17.28 10.22
C ASN C 50 -40.37 -18.21 11.00
N PHE C 51 -41.09 -17.64 11.95
CA PHE C 51 -41.98 -18.37 12.85
C PHE C 51 -42.71 -17.36 13.70
N ASP C 52 -43.98 -17.63 13.98
CA ASP C 52 -44.78 -16.77 14.84
C ASP C 52 -44.95 -17.44 16.19
N GLU C 53 -44.69 -16.67 17.25
CA GLU C 53 -44.55 -17.24 18.59
C GLU C 53 -45.83 -17.91 19.07
N SER C 54 -46.99 -17.39 18.67
CA SER C 54 -48.25 -17.92 19.19
C SER C 54 -48.50 -19.36 18.77
N LYS C 55 -47.79 -19.85 17.76
CA LYS C 55 -47.93 -21.22 17.29
C LYS C 55 -47.00 -22.19 18.01
N ILE C 56 -46.30 -21.75 19.06
CA ILE C 56 -45.52 -22.68 19.87
C ILE C 56 -46.40 -23.30 20.94
N TYR C 57 -47.36 -22.55 21.46
CA TYR C 57 -48.21 -23.04 22.55
C TYR C 57 -49.08 -24.19 22.06
N GLY C 58 -48.97 -25.33 22.73
CA GLY C 58 -49.74 -26.51 22.36
C GLY C 58 -49.33 -27.12 21.05
N SER C 59 -48.03 -27.22 20.79
CA SER C 59 -47.52 -27.76 19.53
C SER C 59 -46.40 -28.75 19.82
N CYS C 60 -46.21 -29.68 18.88
CA CYS C 60 -45.18 -30.70 18.99
C CYS C 60 -44.10 -30.45 17.95
N PHE C 61 -42.84 -30.69 18.34
CA PHE C 61 -41.70 -30.55 17.45
C PHE C 61 -40.85 -31.81 17.54
N LYS C 62 -40.05 -32.05 16.51
CA LYS C 62 -39.10 -33.16 16.56
C LYS C 62 -38.05 -32.92 17.62
N SER C 63 -37.43 -31.74 17.60
CA SER C 63 -36.44 -31.36 18.59
C SER C 63 -36.39 -29.84 18.65
N ILE C 64 -35.92 -29.33 19.78
CA ILE C 64 -35.71 -27.90 19.98
C ILE C 64 -34.26 -27.73 20.40
N VAL C 65 -33.47 -27.11 19.52
CA VAL C 65 -32.03 -26.94 19.75
C VAL C 65 -31.81 -25.60 20.47
N LEU C 66 -31.02 -25.63 21.53
CA LEU C 66 -30.79 -24.47 22.38
C LEU C 66 -29.31 -24.13 22.40
N ASP C 67 -28.97 -22.95 21.87
CA ASP C 67 -27.63 -22.39 21.98
C ASP C 67 -27.68 -21.22 22.95
N LYS C 68 -26.65 -21.08 23.79
CA LYS C 68 -26.65 -20.00 24.77
C LYS C 68 -25.22 -19.54 25.03
N PHE C 69 -25.11 -18.28 25.44
CA PHE C 69 -23.85 -17.67 25.84
C PHE C 69 -24.14 -16.32 26.47
N ALA C 70 -23.22 -15.86 27.32
CA ALA C 70 -23.34 -14.56 27.94
C ALA C 70 -23.12 -13.46 26.90
N ILE C 71 -23.60 -12.26 27.24
CA ILE C 71 -23.61 -11.12 26.32
C ILE C 71 -22.59 -10.11 26.81
N PRO C 72 -21.52 -9.84 26.07
CA PRO C 72 -20.70 -8.66 26.37
C PRO C 72 -21.51 -7.40 26.12
N ASN C 73 -21.56 -6.52 27.12
CA ASN C 73 -22.50 -5.40 27.09
C ASN C 73 -22.29 -4.50 25.88
N SER C 74 -21.03 -4.25 25.52
CA SER C 74 -20.77 -3.38 24.38
C SER C 74 -21.07 -4.04 23.04
N ARG C 75 -21.36 -5.35 23.02
CA ARG C 75 -21.58 -6.09 21.78
C ARG C 75 -23.01 -6.58 21.64
N ARG C 76 -23.96 -5.98 22.36
CA ARG C 76 -25.35 -6.44 22.29
C ARG C 76 -25.94 -6.23 20.90
N SER C 77 -25.55 -5.15 20.23
CA SER C 77 -26.09 -4.86 18.91
C SER C 77 -25.68 -5.90 17.87
N ASP C 78 -24.59 -6.63 18.12
CA ASP C 78 -24.14 -7.65 17.18
C ASP C 78 -25.13 -8.80 17.05
N LEU C 79 -25.97 -9.01 18.07
CA LEU C 79 -26.92 -10.12 18.05
C LEU C 79 -28.15 -9.85 17.18
N GLN C 80 -28.27 -8.65 16.61
CA GLN C 80 -29.33 -8.39 15.65
C GLN C 80 -29.16 -9.30 14.43
N LEU C 81 -30.27 -9.86 13.97
CA LEU C 81 -30.22 -10.77 12.83
C LEU C 81 -29.63 -10.08 11.61
N GLY C 82 -28.66 -10.74 10.98
CA GLY C 82 -28.00 -10.17 9.83
C GLY C 82 -26.94 -9.14 10.14
N SER C 83 -26.55 -8.99 11.40
CA SER C 83 -25.52 -8.02 11.75
C SER C 83 -24.15 -8.53 11.32
N SER C 84 -23.30 -7.62 10.88
CA SER C 84 -21.92 -7.92 10.53
C SER C 84 -20.95 -7.67 11.68
N GLY C 85 -21.44 -7.64 12.91
CA GLY C 85 -20.61 -7.37 14.06
C GLY C 85 -19.68 -8.53 14.39
N PHE C 86 -18.89 -8.31 15.44
CA PHE C 86 -17.85 -9.29 15.80
C PHE C 86 -18.45 -10.60 16.28
N LEU C 87 -19.56 -10.55 17.02
CA LEU C 87 -20.11 -11.76 17.62
C LEU C 87 -20.52 -12.77 16.56
N GLN C 88 -21.28 -12.32 15.56
CA GLN C 88 -21.73 -13.25 14.52
C GLN C 88 -20.68 -13.50 13.45
N SER C 89 -19.68 -12.62 13.34
CA SER C 89 -18.59 -12.86 12.40
C SER C 89 -17.58 -13.88 12.93
N SER C 90 -17.39 -13.93 14.25
CA SER C 90 -16.26 -14.66 14.81
C SER C 90 -16.59 -15.51 16.03
N ASN C 91 -17.86 -15.70 16.37
CA ASN C 91 -18.20 -16.48 17.56
C ASN C 91 -19.41 -17.37 17.32
N TYR C 92 -20.55 -16.77 17.01
CA TYR C 92 -21.79 -17.51 16.83
C TYR C 92 -22.59 -16.86 15.72
N LYS C 93 -22.75 -17.55 14.59
CA LYS C 93 -23.55 -17.06 13.49
C LYS C 93 -24.97 -17.57 13.64
N ILE C 94 -25.93 -16.65 13.81
CA ILE C 94 -27.33 -17.03 13.97
C ILE C 94 -27.89 -17.52 12.64
N ASP C 95 -28.47 -18.70 12.66
CA ASP C 95 -29.11 -19.25 11.46
C ASP C 95 -30.38 -18.46 11.16
N THR C 96 -30.34 -17.68 10.09
CA THR C 96 -31.47 -16.82 9.70
C THR C 96 -32.44 -17.52 8.75
N THR C 97 -32.14 -18.74 8.31
CA THR C 97 -33.02 -19.44 7.39
C THR C 97 -34.01 -20.36 8.10
N SER C 98 -33.61 -20.95 9.22
CA SER C 98 -34.48 -21.86 9.95
C SER C 98 -35.51 -21.09 10.77
N SER C 99 -36.53 -21.81 11.24
CA SER C 99 -37.52 -21.25 12.15
C SER C 99 -36.89 -21.16 13.53
N SER C 100 -36.60 -19.95 13.98
CA SER C 100 -35.86 -19.73 15.22
C SER C 100 -36.57 -18.72 16.10
N CYS C 101 -36.11 -18.63 17.34
CA CYS C 101 -36.59 -17.65 18.30
C CYS C 101 -35.41 -17.23 19.17
N GLN C 102 -35.26 -15.92 19.37
CA GLN C 102 -34.18 -15.37 20.16
C GLN C 102 -34.69 -14.95 21.54
N LEU C 103 -33.97 -15.34 22.58
CA LEU C 103 -34.36 -15.10 23.97
C LEU C 103 -33.24 -14.37 24.69
N TYR C 104 -33.54 -13.16 25.15
CA TYR C 104 -32.63 -12.39 26.00
C TYR C 104 -33.15 -12.45 27.42
N TYR C 105 -32.28 -12.80 28.36
CA TYR C 105 -32.67 -12.89 29.77
C TYR C 105 -31.44 -12.56 30.62
N SER C 106 -31.51 -12.87 31.91
CA SER C 106 -30.41 -12.55 32.81
C SER C 106 -30.47 -13.43 34.04
N LEU C 107 -29.34 -13.51 34.72
CA LEU C 107 -29.17 -14.21 35.98
C LEU C 107 -28.55 -13.25 36.99
N PRO C 108 -28.74 -13.49 38.29
CA PRO C 108 -28.08 -12.63 39.30
C PRO C 108 -26.57 -12.70 39.16
N ALA C 109 -25.95 -11.52 39.04
CA ALA C 109 -24.51 -11.46 38.80
C ALA C 109 -23.72 -12.09 39.95
N ILE C 110 -24.22 -11.99 41.18
CA ILE C 110 -23.46 -12.45 42.34
C ILE C 110 -23.18 -13.95 42.26
N ASN C 111 -24.04 -14.70 41.57
CA ASN C 111 -23.92 -16.15 41.51
C ASN C 111 -23.39 -16.67 40.19
N VAL C 112 -23.15 -15.80 39.20
CA VAL C 112 -22.74 -16.23 37.86
C VAL C 112 -21.23 -16.29 37.79
N THR C 113 -20.71 -17.41 37.27
CA THR C 113 -19.29 -17.56 36.96
C THR C 113 -19.17 -17.76 35.45
N ILE C 114 -18.55 -16.79 34.76
CA ILE C 114 -18.36 -16.90 33.33
C ILE C 114 -17.23 -17.89 33.04
N ASN C 115 -17.43 -18.71 32.01
CA ASN C 115 -16.47 -19.72 31.60
C ASN C 115 -15.92 -19.32 30.23
N ASN C 116 -14.82 -18.57 30.24
CA ASN C 116 -14.13 -18.18 29.03
C ASN C 116 -13.16 -19.30 28.64
N TYR C 117 -13.40 -19.93 27.49
CA TYR C 117 -12.63 -21.09 27.07
C TYR C 117 -12.37 -21.00 25.57
N ASN C 118 -11.11 -21.13 25.17
CA ASN C 118 -10.73 -21.11 23.77
C ASN C 118 -10.96 -22.48 23.15
N PRO C 119 -11.91 -22.60 22.22
CA PRO C 119 -12.20 -23.91 21.62
C PRO C 119 -11.24 -24.32 20.52
N SER C 120 -10.28 -23.48 20.16
CA SER C 120 -9.37 -23.79 19.06
C SER C 120 -8.37 -24.86 19.49
N SER C 121 -8.35 -25.97 18.75
CA SER C 121 -7.41 -27.03 19.05
C SER C 121 -5.97 -26.61 18.77
N TRP C 122 -5.74 -25.86 17.69
CA TRP C 122 -4.39 -25.46 17.35
C TRP C 122 -3.90 -24.28 18.17
N ASN C 123 -4.81 -23.46 18.71
CA ASN C 123 -4.40 -22.43 19.66
C ASN C 123 -3.83 -23.04 20.94
N ARG C 124 -4.48 -24.11 21.43
CA ARG C 124 -4.01 -24.73 22.67
C ARG C 124 -2.75 -25.55 22.44
N ARG C 125 -2.54 -26.04 21.22
CA ARG C 125 -1.36 -26.85 20.93
C ARG C 125 -0.08 -26.04 21.05
N TYR C 126 -0.15 -24.73 20.81
CA TYR C 126 1.04 -23.89 20.73
C TYR C 126 1.04 -22.77 21.76
N GLY C 127 0.50 -23.02 22.95
CA GLY C 127 0.72 -22.11 24.05
C GLY C 127 -0.47 -21.55 24.79
N PHE C 128 -1.65 -21.51 24.15
CA PHE C 128 -2.80 -20.87 24.77
C PHE C 128 -3.38 -21.76 25.86
N ASN C 129 -3.43 -21.25 27.09
CA ASN C 129 -4.02 -21.99 28.20
C ASN C 129 -5.39 -21.44 28.55
N ASN C 130 -5.46 -20.34 29.30
CA ASN C 130 -6.73 -19.78 29.75
C ASN C 130 -6.69 -18.26 29.61
N PHE C 131 -7.87 -17.66 29.73
CA PHE C 131 -8.01 -16.21 29.89
C PHE C 131 -8.04 -15.91 31.38
N ASN C 132 -7.01 -15.23 31.88
CA ASN C 132 -6.98 -14.83 33.28
C ASN C 132 -7.61 -13.44 33.41
N LEU C 133 -8.94 -13.43 33.32
CA LEU C 133 -9.73 -12.20 33.33
C LEU C 133 -10.52 -12.07 34.61
N SER C 134 -10.92 -10.84 34.92
CA SER C 134 -11.75 -10.56 36.08
C SER C 134 -13.10 -11.26 35.95
N SER C 135 -13.77 -11.41 37.09
CA SER C 135 -15.05 -12.09 37.13
C SER C 135 -16.09 -11.32 36.33
N HIS C 136 -16.97 -12.07 35.64
CA HIS C 136 -18.04 -11.58 34.79
C HIS C 136 -17.54 -10.95 33.50
N SER C 137 -16.23 -10.98 33.24
CA SER C 137 -15.73 -10.60 31.92
C SER C 137 -16.06 -11.70 30.93
N VAL C 138 -16.50 -11.30 29.74
CA VAL C 138 -16.99 -12.23 28.72
C VAL C 138 -16.14 -12.06 27.47
N VAL C 139 -15.46 -13.12 27.07
CA VAL C 139 -14.57 -13.09 25.92
C VAL C 139 -15.37 -13.17 24.63
N TYR C 140 -14.98 -12.37 23.65
CA TYR C 140 -15.46 -12.52 22.28
C TYR C 140 -14.29 -12.36 21.33
N SER C 141 -14.30 -13.13 20.25
CA SER C 141 -13.28 -13.02 19.21
C SER C 141 -13.71 -11.98 18.18
N ARG C 142 -12.74 -11.23 17.70
CA ARG C 142 -12.97 -10.29 16.60
C ARG C 142 -12.62 -10.88 15.24
N TYR C 143 -11.60 -11.73 15.18
CA TYR C 143 -11.20 -12.39 13.94
C TYR C 143 -10.76 -13.81 14.26
N CYS C 144 -11.12 -14.74 13.38
CA CYS C 144 -10.70 -16.13 13.53
CA CYS C 144 -10.75 -16.15 13.49
C CYS C 144 -9.83 -16.52 12.34
N PHE C 145 -8.93 -17.47 12.60
CA PHE C 145 -8.00 -17.96 11.60
C PHE C 145 -7.93 -19.47 11.70
N SER C 146 -7.96 -20.14 10.54
CA SER C 146 -7.85 -21.58 10.46
C SER C 146 -6.52 -21.98 9.84
N VAL C 147 -6.06 -23.18 10.19
CA VAL C 147 -4.81 -23.72 9.68
C VAL C 147 -5.01 -25.20 9.38
N ASN C 148 -4.14 -25.74 8.54
CA ASN C 148 -4.14 -27.17 8.30
C ASN C 148 -3.51 -27.90 9.49
N ASN C 149 -3.53 -29.23 9.44
CA ASN C 149 -2.91 -30.02 10.50
C ASN C 149 -1.40 -29.90 10.50
N THR C 150 -0.79 -29.56 9.36
CA THR C 150 0.65 -29.42 9.24
C THR C 150 1.16 -28.08 9.73
N PHE C 151 0.38 -27.35 10.52
CA PHE C 151 0.75 -25.99 10.89
C PHE C 151 1.71 -25.97 12.07
N CYS C 152 2.63 -25.01 12.03
CA CYS C 152 3.52 -24.69 13.13
C CYS C 152 3.98 -23.25 12.97
N PRO C 153 3.96 -22.44 14.02
CA PRO C 153 4.30 -21.02 13.89
C PRO C 153 5.76 -20.66 14.06
N CYS C 154 6.64 -21.62 14.32
CA CYS C 154 8.04 -21.34 14.58
C CYS C 154 8.88 -21.54 13.32
N ALA C 155 9.85 -20.66 13.13
CA ALA C 155 10.83 -20.85 12.07
C ALA C 155 11.82 -21.94 12.46
N LYS C 156 12.42 -22.57 11.45
CA LYS C 156 13.34 -23.66 11.70
C LYS C 156 14.63 -23.12 12.32
N PRO C 157 15.15 -23.77 13.36
CA PRO C 157 16.40 -23.28 13.98
C PRO C 157 17.57 -23.23 13.02
N SER C 158 17.65 -24.18 12.09
CA SER C 158 18.73 -24.16 11.10
C SER C 158 18.62 -22.95 10.18
N PHE C 159 17.40 -22.55 9.84
CA PHE C 159 17.23 -21.38 8.99
C PHE C 159 17.56 -20.11 9.77
N ALA C 160 17.07 -19.99 11.00
CA ALA C 160 17.28 -18.78 11.78
C ALA C 160 18.77 -18.52 12.00
N SER C 161 19.55 -19.56 12.26
CA SER C 161 20.97 -19.40 12.54
C SER C 161 21.72 -18.73 11.40
N SER C 162 21.21 -18.83 10.17
CA SER C 162 21.88 -18.25 9.00
C SER C 162 21.38 -16.85 8.66
N CYS C 163 20.61 -16.23 9.54
CA CYS C 163 20.05 -14.90 9.28
C CYS C 163 21.01 -13.83 9.81
N LYS C 164 21.52 -12.99 8.93
CA LYS C 164 22.30 -11.83 9.35
C LYS C 164 21.42 -10.67 9.77
N SER C 165 20.21 -10.57 9.22
CA SER C 165 19.29 -9.50 9.54
C SER C 165 17.88 -10.06 9.62
N HIS C 166 17.07 -9.47 10.51
CA HIS C 166 15.67 -9.86 10.70
C HIS C 166 15.56 -11.34 11.01
N LYS C 167 16.37 -11.80 11.97
CA LYS C 167 16.33 -13.20 12.38
C LYS C 167 15.03 -13.50 13.09
N PRO C 168 14.30 -14.54 12.66
CA PRO C 168 13.04 -14.88 13.33
C PRO C 168 13.30 -15.72 14.56
N PRO C 169 12.40 -15.69 15.54
CA PRO C 169 12.47 -16.65 16.64
C PRO C 169 12.28 -18.07 16.08
N SER C 170 12.88 -19.04 16.78
CA SER C 170 12.94 -20.39 16.28
C SER C 170 12.77 -21.38 17.42
N ALA C 171 12.35 -22.59 17.05
CA ALA C 171 12.18 -23.71 17.97
C ALA C 171 11.89 -24.94 17.11
N SER C 172 11.71 -26.08 17.78
CA SER C 172 11.40 -27.32 17.09
C SER C 172 9.89 -27.50 16.98
N CYS C 173 9.45 -27.92 15.82
CA CYS C 173 8.03 -28.12 15.58
C CYS C 173 7.64 -29.57 15.81
N PRO C 174 6.41 -29.83 16.22
CA PRO C 174 5.95 -31.22 16.39
C PRO C 174 6.06 -32.00 15.10
N ILE C 175 6.09 -33.32 15.23
CA ILE C 175 6.31 -34.19 14.08
C ILE C 175 5.05 -34.28 13.24
N GLY C 176 5.19 -34.08 11.93
CA GLY C 176 4.06 -33.98 11.02
C GLY C 176 3.63 -32.57 10.71
N THR C 177 4.32 -31.56 11.24
CA THR C 177 4.01 -30.16 10.97
C THR C 177 5.20 -29.49 10.27
N ASN C 178 4.90 -28.72 9.24
CA ASN C 178 5.93 -27.98 8.53
C ASN C 178 6.31 -26.73 9.30
N TYR C 179 7.55 -26.28 9.10
CA TYR C 179 8.03 -25.09 9.80
C TYR C 179 7.48 -23.84 9.13
N ARG C 180 7.64 -22.72 9.83
CA ARG C 180 7.23 -21.42 9.30
C ARG C 180 8.01 -21.13 8.01
N SER C 181 7.26 -20.85 6.94
CA SER C 181 7.88 -20.60 5.64
C SER C 181 8.67 -19.29 5.70
N CYS C 182 9.98 -19.38 5.62
CA CYS C 182 10.87 -18.24 5.59
C CYS C 182 11.73 -18.30 4.33
N GLU C 183 12.57 -17.29 4.15
CA GLU C 183 13.34 -17.17 2.92
C GLU C 183 14.52 -16.25 3.16
N SER C 184 15.72 -16.71 2.81
CA SER C 184 16.91 -15.86 2.86
C SER C 184 16.98 -15.01 1.60
N THR C 185 17.01 -13.69 1.77
CA THR C 185 16.95 -12.76 0.66
C THR C 185 18.12 -11.78 0.74
N THR C 186 18.46 -11.22 -0.41
CA THR C 186 19.46 -10.17 -0.53
C THR C 186 18.81 -8.96 -1.18
N VAL C 187 19.10 -7.78 -0.63
CA VAL C 187 18.65 -6.51 -1.19
C VAL C 187 19.80 -5.52 -1.09
N LEU C 188 20.18 -4.93 -2.21
CA LEU C 188 21.36 -4.06 -2.32
C LEU C 188 22.56 -4.88 -1.86
N ASP C 189 23.43 -4.36 -0.98
CA ASP C 189 24.55 -5.12 -0.47
C ASP C 189 24.21 -5.95 0.77
N HIS C 190 23.05 -5.73 1.38
CA HIS C 190 22.69 -6.43 2.60
C HIS C 190 22.29 -7.87 2.26
N THR C 191 23.02 -8.83 2.82
CA THR C 191 22.84 -10.23 2.52
C THR C 191 22.22 -10.95 3.72
N ASP C 192 21.67 -12.14 3.45
CA ASP C 192 21.04 -12.99 4.46
C ASP C 192 19.95 -12.25 5.23
N TRP C 193 19.27 -11.32 4.57
CA TRP C 193 18.12 -10.62 5.10
C TRP C 193 16.92 -11.56 5.01
N CYS C 194 16.50 -12.10 6.15
CA CYS C 194 15.49 -13.14 6.20
C CYS C 194 14.08 -12.55 6.18
N ARG C 195 13.18 -13.22 5.46
CA ARG C 195 11.79 -12.80 5.33
C ARG C 195 10.89 -14.00 5.60
N CYS C 196 10.03 -13.89 6.59
CA CYS C 196 9.10 -14.95 6.95
C CYS C 196 7.66 -14.52 6.67
N SER C 197 6.73 -15.38 7.02
CA SER C 197 5.32 -15.20 6.68
C SER C 197 4.55 -14.51 7.80
N CYS C 198 3.31 -14.14 7.50
CA CYS C 198 2.37 -13.57 8.45
C CYS C 198 2.91 -12.29 9.09
N LEU C 199 3.39 -11.38 8.24
CA LEU C 199 3.95 -10.16 8.79
C LEU C 199 3.12 -8.94 8.41
N PRO C 200 2.94 -7.97 9.32
CA PRO C 200 3.40 -7.92 10.71
C PRO C 200 2.70 -8.96 11.57
N ASP C 201 1.45 -9.29 11.23
CA ASP C 201 0.67 -10.31 11.92
C ASP C 201 -0.44 -10.75 10.98
N PRO C 202 -1.02 -11.94 11.21
CA PRO C 202 -2.04 -12.44 10.27
C PRO C 202 -3.25 -11.53 10.11
N ILE C 203 -3.50 -10.63 11.06
CA ILE C 203 -4.65 -9.73 10.94
C ILE C 203 -4.39 -8.67 9.88
N THR C 204 -3.22 -8.02 9.95
CA THR C 204 -2.84 -6.95 9.04
C THR C 204 -1.72 -7.40 8.09
N ALA C 205 -1.75 -8.66 7.68
CA ALA C 205 -0.69 -9.20 6.84
C ALA C 205 -0.69 -8.50 5.49
N TYR C 206 0.46 -7.92 5.13
CA TYR C 206 0.59 -7.27 3.83
C TYR C 206 0.33 -8.26 2.69
N ASP C 207 0.77 -9.50 2.85
CA ASP C 207 0.57 -10.55 1.86
C ASP C 207 -0.11 -11.73 2.55
N PRO C 208 -1.44 -11.81 2.51
CA PRO C 208 -2.13 -12.92 3.20
C PRO C 208 -1.94 -14.27 2.55
N ARG C 209 -1.46 -14.32 1.30
CA ARG C 209 -1.30 -15.60 0.63
C ARG C 209 -0.10 -16.38 1.14
N SER C 210 0.88 -15.71 1.75
CA SER C 210 2.01 -16.40 2.35
C SER C 210 1.71 -16.86 3.77
N CYS C 211 0.76 -16.23 4.44
CA CYS C 211 0.43 -16.58 5.82
C CYS C 211 -0.42 -17.86 5.82
N SER C 212 0.08 -18.90 6.49
CA SER C 212 -0.67 -20.15 6.58
C SER C 212 -1.97 -19.96 7.37
N GLN C 213 -2.03 -18.96 8.24
CA GLN C 213 -3.25 -18.65 8.97
C GLN C 213 -4.20 -17.89 8.05
N LYS C 214 -5.38 -18.45 7.82
CA LYS C 214 -6.33 -17.93 6.86
C LYS C 214 -7.56 -17.39 7.58
N LYS C 215 -7.96 -16.16 7.23
CA LYS C 215 -9.18 -15.58 7.78
C LYS C 215 -10.37 -16.49 7.51
N SER C 216 -11.27 -16.56 8.48
CA SER C 216 -12.45 -17.41 8.36
C SER C 216 -13.57 -16.83 9.21
N LEU C 217 -14.71 -16.55 8.57
CA LEU C 217 -15.91 -16.20 9.30
C LEU C 217 -16.61 -17.47 9.77
N VAL C 218 -17.16 -17.44 10.98
CA VAL C 218 -17.89 -18.60 11.49
C VAL C 218 -19.18 -18.78 10.71
N GLY C 219 -19.55 -20.03 10.47
CA GLY C 219 -20.83 -20.36 9.90
C GLY C 219 -21.82 -20.78 10.98
N VAL C 220 -23.00 -21.23 10.52
CA VAL C 220 -24.01 -21.68 11.46
C VAL C 220 -23.52 -22.96 12.14
N GLY C 221 -23.72 -23.03 13.46
CA GLY C 221 -23.33 -24.19 14.24
C GLY C 221 -21.85 -24.32 14.52
N GLU C 222 -21.02 -23.40 14.04
CA GLU C 222 -19.58 -23.52 14.18
C GLU C 222 -19.04 -22.65 15.31
N HIS C 223 -17.82 -22.96 15.73
CA HIS C 223 -17.07 -22.15 16.68
C HIS C 223 -15.92 -21.46 15.98
N CYS C 224 -15.22 -20.62 16.74
CA CYS C 224 -14.09 -19.87 16.20
C CYS C 224 -12.94 -20.83 15.88
N ALA C 225 -12.35 -20.65 14.70
CA ALA C 225 -11.24 -21.53 14.30
C ALA C 225 -10.02 -21.29 15.18
N GLY C 226 -9.83 -20.08 15.66
CA GLY C 226 -8.73 -19.77 16.55
C GLY C 226 -8.24 -18.35 16.36
N PHE C 227 -7.61 -17.82 17.41
CA PHE C 227 -7.01 -16.50 17.31
C PHE C 227 -5.77 -16.55 16.42
N GLY C 228 -5.60 -15.51 15.63
CA GLY C 228 -4.35 -15.37 14.88
C GLY C 228 -3.19 -15.15 15.83
N VAL C 229 -2.06 -15.77 15.53
CA VAL C 229 -0.86 -15.71 16.36
C VAL C 229 0.20 -14.91 15.64
N ASP C 230 0.81 -13.96 16.36
CA ASP C 230 1.99 -13.27 15.87
C ASP C 230 3.15 -14.27 15.86
N GLU C 231 3.52 -14.73 14.66
CA GLU C 231 4.56 -15.76 14.56
C GLU C 231 5.93 -15.25 14.98
N GLU C 232 6.12 -13.93 15.05
CA GLU C 232 7.36 -13.39 15.61
C GLU C 232 7.43 -13.51 17.13
N LYS C 233 6.42 -14.12 17.76
CA LYS C 233 6.41 -14.35 19.19
C LYS C 233 6.19 -15.82 19.53
N CYS C 234 6.47 -16.71 18.57
CA CYS C 234 6.44 -18.16 18.77
C CYS C 234 7.86 -18.69 18.65
N GLY C 235 8.32 -19.40 19.68
CA GLY C 235 9.72 -19.74 19.80
C GLY C 235 10.52 -18.56 20.32
N VAL C 236 11.80 -18.83 20.61
CA VAL C 236 12.68 -17.83 21.17
C VAL C 236 13.78 -17.52 20.17
N LEU C 237 14.42 -16.36 20.36
CA LEU C 237 15.53 -15.98 19.50
C LEU C 237 16.69 -16.95 19.68
N ASP C 238 17.23 -17.42 18.56
CA ASP C 238 18.28 -18.45 18.53
C ASP C 238 17.83 -19.73 19.23
N GLY C 239 16.54 -20.02 19.21
CA GLY C 239 16.05 -21.26 19.80
C GLY C 239 16.53 -22.47 19.02
N SER C 240 16.90 -23.51 19.75
CA SER C 240 17.42 -24.73 19.17
C SER C 240 16.30 -25.76 19.02
N TYR C 241 16.66 -26.91 18.44
CA TYR C 241 15.74 -28.05 18.43
C TYR C 241 15.50 -28.60 19.81
N ASN C 242 16.25 -28.14 20.81
CA ASN C 242 16.04 -28.49 22.21
C ASN C 242 14.88 -27.74 22.84
N VAL C 243 14.19 -26.90 22.08
CA VAL C 243 13.10 -26.05 22.58
C VAL C 243 11.86 -26.35 21.78
N SER C 244 10.78 -26.72 22.45
CA SER C 244 9.52 -26.98 21.77
C SER C 244 8.87 -25.67 21.34
N CYS C 245 8.22 -25.70 20.17
CA CYS C 245 7.58 -24.50 19.64
C CYS C 245 6.40 -24.12 20.53
N LEU C 246 6.48 -22.91 21.11
CA LEU C 246 5.46 -22.43 22.03
C LEU C 246 5.37 -20.92 21.90
N CYS C 247 4.14 -20.42 21.74
CA CYS C 247 3.89 -19.00 21.62
C CYS C 247 3.54 -18.40 22.98
N SER C 248 3.96 -17.16 23.19
CA SER C 248 3.63 -16.47 24.43
C SER C 248 2.14 -16.14 24.49
N THR C 249 1.69 -15.71 25.66
CA THR C 249 0.26 -15.49 25.87
C THR C 249 -0.23 -14.31 25.04
N ASP C 250 0.58 -13.27 24.91
CA ASP C 250 0.19 -12.07 24.18
C ASP C 250 0.47 -12.17 22.69
N ALA C 251 0.89 -13.35 22.20
CA ALA C 251 1.00 -13.55 20.77
C ALA C 251 -0.35 -13.81 20.11
N PHE C 252 -1.35 -14.18 20.90
CA PHE C 252 -2.70 -14.43 20.39
C PHE C 252 -3.44 -13.11 20.28
N LEU C 253 -3.92 -12.78 19.08
CA LEU C 253 -4.48 -11.48 18.76
C LEU C 253 -5.95 -11.62 18.37
N GLY C 254 -6.57 -10.48 18.11
CA GLY C 254 -7.93 -10.45 17.58
C GLY C 254 -9.01 -10.95 18.51
N TRP C 255 -8.90 -10.64 19.81
CA TRP C 255 -9.95 -10.97 20.74
C TRP C 255 -10.02 -9.87 21.80
N SER C 256 -11.23 -9.66 22.32
CA SER C 256 -11.46 -8.66 23.35
C SER C 256 -12.40 -9.26 24.39
N TYR C 257 -12.83 -8.42 25.34
CA TYR C 257 -13.72 -8.88 26.39
C TYR C 257 -14.50 -7.69 26.93
N ASP C 258 -15.61 -8.00 27.60
CA ASP C 258 -16.45 -6.98 28.22
C ASP C 258 -17.40 -7.68 29.19
N THR C 259 -17.77 -6.96 30.24
CA THR C 259 -18.62 -7.54 31.27
C THR C 259 -20.04 -7.73 30.74
N CYS C 260 -20.77 -8.64 31.40
CA CYS C 260 -22.17 -8.86 31.10
C CYS C 260 -23.10 -8.25 32.15
N VAL C 261 -22.55 -7.62 33.17
CA VAL C 261 -23.33 -7.19 34.33
C VAL C 261 -23.85 -5.79 34.10
N SER C 262 -25.18 -5.64 34.16
CA SER C 262 -25.84 -4.35 34.20
C SER C 262 -27.01 -4.49 35.17
N ASN C 263 -27.11 -3.54 36.11
CA ASN C 263 -28.10 -3.60 37.19
C ASN C 263 -27.94 -4.87 38.01
N ASN C 264 -26.68 -5.23 38.29
CA ASN C 264 -26.34 -6.36 39.16
C ASN C 264 -26.84 -7.70 38.59
N ARG C 265 -26.97 -7.80 37.28
CA ARG C 265 -27.38 -9.04 36.63
C ARG C 265 -26.59 -9.22 35.33
N CYS C 266 -26.19 -10.46 35.08
CA CYS C 266 -25.45 -10.81 33.87
C CYS C 266 -26.44 -11.17 32.76
N ASN C 267 -26.37 -10.43 31.66
CA ASN C 267 -27.30 -10.65 30.55
C ASN C 267 -26.83 -11.82 29.68
N ILE C 268 -27.78 -12.66 29.28
CA ILE C 268 -27.50 -13.89 28.56
C ILE C 268 -28.36 -13.95 27.31
N PHE C 269 -27.78 -14.43 26.21
CA PHE C 269 -28.49 -14.67 24.97
C PHE C 269 -28.77 -16.16 24.80
N SER C 270 -29.85 -16.47 24.09
CA SER C 270 -30.19 -17.85 23.81
C SER C 270 -30.94 -17.92 22.47
N ASN C 271 -30.58 -18.90 21.65
CA ASN C 271 -31.19 -19.10 20.34
C ASN C 271 -31.94 -20.42 20.33
N PHE C 272 -33.22 -20.36 19.96
CA PHE C 272 -34.08 -21.53 19.87
C PHE C 272 -34.19 -21.96 18.40
N ILE C 273 -34.08 -23.26 18.17
CA ILE C 273 -34.25 -23.83 16.84
C ILE C 273 -35.45 -24.78 16.89
N LEU C 274 -36.43 -24.54 16.03
CA LEU C 274 -37.64 -25.35 15.98
C LEU C 274 -37.56 -26.29 14.78
N ASN C 275 -37.52 -27.58 15.04
CA ASN C 275 -37.38 -28.61 14.01
C ASN C 275 -38.69 -29.38 13.88
N GLY C 276 -39.19 -29.47 12.64
CA GLY C 276 -40.39 -30.23 12.36
C GLY C 276 -41.61 -29.79 13.15
N ILE C 277 -42.21 -28.67 12.76
CA ILE C 277 -43.43 -28.21 13.40
C ILE C 277 -44.55 -29.18 13.10
N ASN C 278 -45.42 -29.42 14.10
CA ASN C 278 -46.55 -30.34 13.97
C ASN C 278 -46.07 -31.76 13.66
N SER C 279 -44.98 -32.17 14.30
CA SER C 279 -44.37 -33.47 14.08
C SER C 279 -43.29 -33.74 15.12
N GLY C 280 -43.41 -34.84 15.85
CA GLY C 280 -42.44 -35.20 16.85
C GLY C 280 -43.06 -35.33 18.23
N THR C 281 -42.19 -35.55 19.22
CA THR C 281 -42.61 -35.83 20.59
C THR C 281 -42.11 -34.78 21.57
N THR C 282 -41.68 -33.60 21.09
CA THR C 282 -41.35 -32.48 21.94
C THR C 282 -42.58 -31.57 21.96
N CYS C 283 -43.54 -31.92 22.80
CA CYS C 283 -44.82 -31.24 22.79
CA CYS C 283 -44.86 -31.30 22.85
C CYS C 283 -44.91 -30.21 23.92
N SER C 284 -45.89 -29.32 23.78
CA SER C 284 -46.12 -28.22 24.71
C SER C 284 -47.37 -28.50 25.54
N ASN C 285 -47.29 -28.19 26.83
CA ASN C 285 -48.40 -28.41 27.76
C ASN C 285 -49.17 -27.13 28.06
N ASP C 286 -48.98 -26.07 27.27
CA ASP C 286 -49.58 -24.78 27.55
C ASP C 286 -51.10 -24.76 27.39
N LEU C 287 -51.69 -25.80 26.78
CA LEU C 287 -53.12 -25.81 26.52
C LEU C 287 -53.82 -26.93 27.30
CA CA D . 23.28 35.44 -6.08
C1 NAG E . 12.53 49.12 -14.15
C2 NAG E . 12.37 49.97 -12.88
C3 NAG E . 13.21 51.24 -12.98
C4 NAG E . 14.67 50.88 -13.28
C5 NAG E . 14.71 49.99 -14.53
C6 NAG E . 16.10 49.55 -14.91
C7 NAG E . 10.21 49.69 -11.74
C8 NAG E . 8.79 50.18 -11.66
N2 NAG E . 10.98 50.30 -12.64
O3 NAG E . 13.09 51.95 -11.77
O4 NAG E . 15.37 52.09 -13.47
O5 NAG E . 13.90 48.85 -14.33
O6 NAG E . 16.80 49.11 -13.76
O7 NAG E . 10.61 48.77 -11.01
C1 NAG F . -25.57 -16.67 45.56
C2 NAG F . -26.55 -17.74 46.08
C3 NAG F . -26.91 -17.47 47.55
C4 NAG F . -25.63 -17.30 48.37
C5 NAG F . -24.78 -16.20 47.74
C6 NAG F . -23.51 -15.86 48.49
C7 NAG F . -28.48 -18.86 45.01
C8 NAG F . -29.67 -18.62 44.12
N2 NAG F . -27.74 -17.76 45.27
O3 NAG F . -27.70 -18.54 48.01
O4 NAG F . -26.04 -16.95 49.68
O5 NAG F . -24.45 -16.60 46.42
O6 NAG F . -22.52 -16.83 48.24
O7 NAG F . -28.21 -19.98 45.43
C1 NAG G . -3.41 -25.78 3.64
C2 NAG G . -3.45 -26.85 2.54
C3 NAG G . -3.56 -26.19 1.16
C4 NAG G . -4.73 -25.21 1.14
C5 NAG G . -4.63 -24.27 2.35
C6 NAG G . -5.74 -23.24 2.44
C7 NAG G . -1.02 -27.41 2.55
C8 NAG G . -0.01 -28.54 2.70
N2 NAG G . -2.31 -27.75 2.65
O3 NAG G . -3.74 -27.19 0.19
O4 NAG G . -4.67 -24.52 -0.10
O5 NAG G . -4.59 -25.03 3.54
O6 NAG G . -5.55 -22.25 1.47
O7 NAG G . -0.63 -26.27 2.33
#